data_2XRS
#
_entry.id   2XRS
#
_cell.length_a   53.420
_cell.length_b   61.060
_cell.length_c   100.830
_cell.angle_alpha   94.57
_cell.angle_beta   95.24
_cell.angle_gamma   114.10
#
_symmetry.space_group_name_H-M   'P 1'
#
loop_
_entity.id
_entity.type
_entity.pdbx_description
1 polymer 'HEAT-LABILE ENTEROTOXIN B CHAIN'
2 branched beta-D-galactopyranose-(1-4)-2-acetamido-2-deoxy-beta-D-glucopyranose
3 branched beta-D-galactopyranose-(1-4)-2-acetamido-2-deoxy-beta-D-glucopyranose-(1-3)-beta-D-galactopyranose
4 non-polymer beta-D-galactopyranose
5 water water
#
_entity_poly.entity_id   1
_entity_poly.type   'polypeptide(L)'
_entity_poly.pdbx_seq_one_letter_code
;APQTITELCSEYRNTQIYTINDKILSYTESMAGKREMVIITFKSGETFQVEVPGSQHIDSQKKAIERMKDTLRITYLTET
KIDKLCVWNNKTPNSIAAISMKN
;
_entity_poly.pdbx_strand_id   D,E,F,G,H,L,M,N,O,P
#
loop_
_chem_comp.id
_chem_comp.type
_chem_comp.name
_chem_comp.formula
GAL D-saccharide, beta linking beta-D-galactopyranose 'C6 H12 O6'
NAG D-saccharide, beta linking 2-acetamido-2-deoxy-beta-D-glucopyranose 'C8 H15 N O6'
#
# COMPACT_ATOMS: atom_id res chain seq x y z
N ALA A 1 -42.13 3.85 -23.73
CA ALA A 1 -42.00 2.76 -22.69
C ALA A 1 -42.47 3.26 -21.32
N PRO A 2 -42.87 2.33 -20.42
CA PRO A 2 -43.28 2.71 -19.07
C PRO A 2 -42.15 3.38 -18.31
N GLN A 3 -42.49 4.29 -17.39
CA GLN A 3 -41.49 5.02 -16.62
C GLN A 3 -41.38 4.55 -15.18
N THR A 4 -42.33 3.73 -14.75
CA THR A 4 -42.34 3.15 -13.40
C THR A 4 -42.86 1.71 -13.46
N ILE A 5 -42.61 0.97 -12.39
CA ILE A 5 -43.06 -0.41 -12.27
C ILE A 5 -44.60 -0.49 -12.27
N THR A 6 -45.26 0.52 -11.67
CA THR A 6 -46.74 0.52 -11.62
C THR A 6 -47.34 0.70 -13.01
N GLU A 7 -46.80 1.65 -13.79
CA GLU A 7 -47.19 1.83 -15.19
C GLU A 7 -46.98 0.54 -16.03
N LEU A 8 -45.82 -0.09 -15.87
CA LEU A 8 -45.53 -1.35 -16.54
C LEU A 8 -46.54 -2.43 -16.13
N CYS A 9 -46.74 -2.60 -14.83
CA CYS A 9 -47.65 -3.62 -14.32
C CYS A 9 -49.05 -3.47 -14.92
N SER A 10 -49.50 -2.24 -15.06
CA SER A 10 -50.82 -1.94 -15.59
C SER A 10 -51.05 -2.35 -17.04
N GLU A 11 -49.97 -2.64 -17.76
CA GLU A 11 -50.07 -3.04 -19.17
C GLU A 11 -50.53 -4.49 -19.33
N TYR A 12 -50.54 -5.25 -18.24
CA TYR A 12 -50.74 -6.71 -18.29
C TYR A 12 -52.02 -7.14 -17.57
N ARG A 13 -52.65 -8.20 -18.08
CA ARG A 13 -53.77 -8.82 -17.37
C ARG A 13 -53.19 -9.74 -16.29
N ASN A 14 -53.98 -10.00 -15.25
CA ASN A 14 -53.63 -10.89 -14.15
C ASN A 14 -52.41 -10.47 -13.34
N THR A 15 -52.21 -9.16 -13.20
CA THR A 15 -51.10 -8.65 -12.42
C THR A 15 -51.58 -7.74 -11.29
N GLN A 16 -50.72 -7.59 -10.29
CA GLN A 16 -50.91 -6.56 -9.27
C GLN A 16 -49.55 -6.18 -8.67
N ILE A 17 -49.49 -4.99 -8.08
CA ILE A 17 -48.30 -4.54 -7.35
C ILE A 17 -48.40 -4.92 -5.87
N TYR A 18 -47.34 -5.53 -5.34
CA TYR A 18 -47.13 -5.71 -3.91
C TYR A 18 -46.09 -4.69 -3.49
N THR A 19 -46.42 -3.85 -2.51
CA THR A 19 -45.43 -2.97 -1.93
C THR A 19 -44.75 -3.70 -0.79
N ILE A 20 -43.50 -4.07 -1.03
CA ILE A 20 -42.75 -4.89 -0.08
C ILE A 20 -42.05 -4.01 0.98
N ASN A 21 -41.25 -3.05 0.51
CA ASN A 21 -40.42 -2.22 1.39
C ASN A 21 -39.65 -3.05 2.44
N ASP A 22 -38.96 -4.09 1.98
CA ASP A 22 -38.26 -4.99 2.90
C ASP A 22 -37.24 -5.82 2.17
N LYS A 23 -36.23 -6.29 2.89
CA LYS A 23 -35.30 -7.28 2.31
C LYS A 23 -35.94 -8.66 2.25
N ILE A 24 -35.38 -9.52 1.41
CA ILE A 24 -35.83 -10.90 1.27
C ILE A 24 -35.50 -11.67 2.56
N LEU A 25 -36.48 -12.40 3.08
CA LEU A 25 -36.28 -13.27 4.25
C LEU A 25 -35.62 -14.59 3.89
N SER A 26 -36.14 -15.27 2.86
CA SER A 26 -35.54 -16.53 2.42
C SER A 26 -35.45 -16.60 0.90
N TYR A 27 -34.43 -17.33 0.45
CA TYR A 27 -34.15 -17.57 -0.95
C TYR A 27 -34.04 -19.08 -1.15
N THR A 28 -34.77 -19.61 -2.14
CA THR A 28 -34.75 -21.05 -2.45
C THR A 28 -34.54 -21.20 -3.95
N GLU A 29 -33.60 -22.07 -4.33
CA GLU A 29 -33.26 -22.29 -5.72
C GLU A 29 -33.23 -23.79 -5.98
N SER A 30 -33.88 -24.20 -7.08
CA SER A 30 -33.99 -25.61 -7.42
C SER A 30 -33.47 -25.87 -8.82
N MET A 31 -32.67 -26.94 -8.95
CA MET A 31 -32.26 -27.43 -10.27
C MET A 31 -32.90 -28.77 -10.59
N ALA A 32 -33.92 -29.14 -9.80
CA ALA A 32 -34.65 -30.38 -10.03
C ALA A 32 -35.46 -30.34 -11.33
N GLY A 33 -35.51 -31.46 -12.06
CA GLY A 33 -36.18 -31.49 -13.35
C GLY A 33 -37.64 -31.04 -13.29
N LYS A 34 -38.00 -30.07 -14.13
CA LYS A 34 -39.38 -29.53 -14.25
C LYS A 34 -39.70 -28.60 -13.10
N ARG A 35 -38.74 -28.43 -12.21
CA ARG A 35 -38.87 -27.43 -11.15
C ARG A 35 -37.63 -26.52 -11.08
N GLU A 36 -37.12 -26.13 -12.24
CA GLU A 36 -35.97 -25.22 -12.29
C GLU A 36 -36.44 -23.77 -12.02
N MET A 37 -36.40 -23.37 -10.76
CA MET A 37 -37.11 -22.17 -10.33
C MET A 37 -36.47 -21.58 -9.07
N VAL A 38 -36.93 -20.40 -8.72
CA VAL A 38 -36.50 -19.71 -7.50
C VAL A 38 -37.76 -19.31 -6.72
N ILE A 39 -37.70 -19.41 -5.39
CA ILE A 39 -38.80 -18.98 -4.52
C ILE A 39 -38.20 -18.06 -3.49
N ILE A 40 -38.86 -16.91 -3.27
CA ILE A 40 -38.45 -15.99 -2.21
C ILE A 40 -39.62 -15.79 -1.25
N THR A 41 -39.31 -15.52 0.02
CA THR A 41 -40.34 -15.19 1.00
C THR A 41 -39.94 -13.92 1.73
N PHE A 42 -40.92 -13.30 2.37
CA PHE A 42 -40.71 -12.12 3.19
C PHE A 42 -41.31 -12.37 4.57
N LYS A 43 -40.84 -11.62 5.56
CA LYS A 43 -41.31 -11.79 6.93
C LYS A 43 -42.80 -11.44 7.06
N SER A 44 -43.34 -10.73 6.08
CA SER A 44 -44.78 -10.47 5.96
C SER A 44 -45.59 -11.78 5.82
N GLY A 45 -44.93 -12.85 5.39
CA GLY A 45 -45.58 -14.12 5.11
C GLY A 45 -45.81 -14.36 3.62
N GLU A 46 -45.55 -13.37 2.79
CA GLU A 46 -45.78 -13.50 1.34
C GLU A 46 -44.66 -14.30 0.68
N THR A 47 -45.04 -15.12 -0.30
CA THR A 47 -44.15 -16.00 -1.04
C THR A 47 -44.33 -15.72 -2.54
N PHE A 48 -43.21 -15.66 -3.28
CA PHE A 48 -43.24 -15.42 -4.71
C PHE A 48 -42.30 -16.37 -5.43
N GLN A 49 -42.60 -16.64 -6.69
CA GLN A 49 -41.69 -17.45 -7.51
C GLN A 49 -41.20 -16.72 -8.77
N VAL A 50 -40.08 -17.17 -9.32
CA VAL A 50 -39.78 -17.01 -10.74
C VAL A 50 -40.13 -18.35 -11.38
N GLU A 51 -41.10 -18.34 -12.28
CA GLU A 51 -41.63 -19.58 -12.86
C GLU A 51 -40.58 -20.33 -13.67
N VAL A 52 -40.77 -21.65 -13.77
CA VAL A 52 -40.02 -22.49 -14.68
C VAL A 52 -40.32 -21.98 -16.09
N PRO A 53 -39.29 -21.87 -16.95
CA PRO A 53 -39.55 -21.44 -18.34
C PRO A 53 -40.53 -22.38 -19.02
N GLY A 54 -41.50 -21.83 -19.74
CA GLY A 54 -42.51 -22.65 -20.42
C GLY A 54 -43.13 -21.96 -21.62
N SER A 55 -44.22 -22.51 -22.12
CA SER A 55 -44.86 -21.99 -23.33
C SER A 55 -45.59 -20.64 -23.10
N GLN A 56 -45.79 -20.27 -21.84
CA GLN A 56 -46.33 -18.94 -21.49
C GLN A 56 -45.27 -17.84 -21.66
N HIS A 57 -44.04 -18.25 -22.03
CA HIS A 57 -42.93 -17.31 -22.22
C HIS A 57 -42.52 -17.24 -23.69
N ILE A 58 -42.26 -16.03 -24.17
CA ILE A 58 -41.74 -15.86 -25.52
C ILE A 58 -40.20 -15.90 -25.48
N ASP A 59 -39.56 -16.03 -26.65
CA ASP A 59 -38.11 -16.17 -26.73
C ASP A 59 -37.35 -15.02 -26.04
N SER A 60 -37.81 -13.78 -26.24
CA SER A 60 -37.20 -12.60 -25.58
C SER A 60 -37.22 -12.65 -24.04
N GLN A 61 -38.14 -13.43 -23.48
CA GLN A 61 -38.18 -13.57 -22.03
C GLN A 61 -37.17 -14.56 -21.45
N LYS A 62 -36.56 -15.40 -22.28
CA LYS A 62 -35.62 -16.43 -21.76
C LYS A 62 -34.44 -15.81 -20.98
N LYS A 63 -33.71 -14.87 -21.61
CA LYS A 63 -32.61 -14.20 -20.90
C LYS A 63 -33.14 -13.40 -19.70
N ALA A 64 -34.32 -12.81 -19.87
CA ALA A 64 -34.88 -12.00 -18.79
C ALA A 64 -35.25 -12.84 -17.55
N ILE A 65 -35.76 -14.05 -17.77
CA ILE A 65 -36.03 -14.99 -16.66
C ILE A 65 -34.71 -15.29 -15.89
N GLU A 66 -33.65 -15.60 -16.64
CA GLU A 66 -32.35 -15.85 -16.00
C GLU A 66 -31.81 -14.64 -15.24
N ARG A 67 -31.93 -13.45 -15.84
CA ARG A 67 -31.53 -12.19 -15.15
C ARG A 67 -32.31 -11.97 -13.84
N MET A 68 -33.62 -12.20 -13.86
CA MET A 68 -34.44 -12.04 -12.66
C MET A 68 -33.97 -12.92 -11.51
N LYS A 69 -33.68 -14.20 -11.79
CA LYS A 69 -33.12 -15.08 -10.76
C LYS A 69 -31.73 -14.59 -10.25
N ASP A 70 -30.88 -14.11 -11.17
CA ASP A 70 -29.60 -13.49 -10.81
C ASP A 70 -29.85 -12.35 -9.84
N THR A 71 -30.81 -11.49 -10.20
CA THR A 71 -31.12 -10.29 -9.38
C THR A 71 -31.61 -10.65 -7.99
N LEU A 72 -32.48 -11.66 -7.91
CA LEU A 72 -33.03 -12.06 -6.60
C LEU A 72 -31.95 -12.60 -5.67
N ARG A 73 -31.03 -13.40 -6.21
CA ARG A 73 -29.92 -13.98 -5.41
C ARG A 73 -29.01 -12.89 -4.85
N ILE A 74 -28.57 -11.96 -5.68
CA ILE A 74 -27.70 -10.89 -5.18
C ILE A 74 -28.44 -9.93 -4.25
N THR A 75 -29.72 -9.71 -4.52
CA THR A 75 -30.56 -8.85 -3.64
C THR A 75 -30.68 -9.53 -2.26
N TYR A 76 -30.88 -10.84 -2.27
CA TYR A 76 -30.91 -11.59 -1.00
C TYR A 76 -29.60 -11.45 -0.22
N LEU A 77 -28.49 -11.68 -0.92
CA LEU A 77 -27.16 -11.75 -0.30
C LEU A 77 -26.68 -10.41 0.23
N THR A 78 -27.11 -9.33 -0.40
CA THR A 78 -26.71 -7.98 0.02
C THR A 78 -27.72 -7.37 1.00
N GLU A 79 -28.78 -8.10 1.30
CA GLU A 79 -29.87 -7.61 2.18
C GLU A 79 -30.46 -6.31 1.64
N THR A 80 -30.54 -6.23 0.31
CA THR A 80 -31.07 -5.04 -0.36
C THR A 80 -32.60 -5.00 -0.19
N LYS A 81 -33.11 -3.84 0.21
CA LYS A 81 -34.54 -3.63 0.36
C LYS A 81 -35.22 -3.61 -1.02
N ILE A 82 -36.23 -4.48 -1.18
CA ILE A 82 -37.11 -4.44 -2.34
C ILE A 82 -38.22 -3.42 -2.10
N ASP A 83 -38.50 -2.59 -3.10
CA ASP A 83 -39.55 -1.60 -2.99
C ASP A 83 -40.86 -2.28 -3.41
N LYS A 84 -41.02 -2.56 -4.70
CA LYS A 84 -42.26 -3.18 -5.23
C LYS A 84 -41.97 -4.42 -6.05
N LEU A 85 -42.96 -5.30 -6.06
CA LEU A 85 -43.03 -6.40 -7.01
C LEU A 85 -44.29 -6.30 -7.86
N CYS A 86 -44.12 -6.42 -9.18
CA CYS A 86 -45.23 -6.65 -10.08
C CYS A 86 -45.31 -8.15 -10.26
N VAL A 87 -46.47 -8.74 -9.94
CA VAL A 87 -46.62 -10.19 -9.96
C VAL A 87 -47.84 -10.64 -10.78
N TRP A 88 -47.75 -11.81 -11.41
CA TRP A 88 -48.95 -12.43 -11.95
C TRP A 88 -49.64 -13.15 -10.80
N ASN A 89 -50.93 -12.84 -10.60
CA ASN A 89 -51.68 -13.42 -9.48
C ASN A 89 -52.49 -14.66 -9.88
N ASN A 90 -52.33 -15.14 -11.12
CA ASN A 90 -53.01 -16.37 -11.58
C ASN A 90 -52.11 -17.59 -11.42
N LYS A 91 -51.09 -17.44 -10.58
CA LYS A 91 -50.15 -18.51 -10.26
C LYS A 91 -49.95 -18.58 -8.76
N THR A 92 -49.64 -19.78 -8.26
CA THR A 92 -49.35 -20.02 -6.84
C THR A 92 -47.99 -20.74 -6.72
N PRO A 93 -47.02 -20.13 -6.01
CA PRO A 93 -47.00 -18.74 -5.51
C PRO A 93 -47.16 -17.71 -6.63
N ASN A 94 -47.58 -16.48 -6.30
CA ASN A 94 -47.62 -15.43 -7.33
C ASN A 94 -46.26 -15.33 -8.05
N SER A 95 -46.29 -15.01 -9.34
CA SER A 95 -45.13 -15.12 -10.20
C SER A 95 -44.58 -13.73 -10.54
N ILE A 96 -43.28 -13.54 -10.32
CA ILE A 96 -42.64 -12.22 -10.48
C ILE A 96 -42.50 -11.79 -11.95
N ALA A 97 -43.09 -10.64 -12.28
CA ALA A 97 -42.97 -10.03 -13.62
C ALA A 97 -41.93 -8.90 -13.61
N ALA A 98 -41.85 -8.18 -12.49
CA ALA A 98 -40.92 -7.06 -12.40
C ALA A 98 -40.61 -6.75 -10.95
N ILE A 99 -39.47 -6.10 -10.72
CA ILE A 99 -39.01 -5.76 -9.37
C ILE A 99 -38.49 -4.32 -9.38
N SER A 100 -38.70 -3.60 -8.29
CA SER A 100 -38.05 -2.30 -8.11
C SER A 100 -37.39 -2.24 -6.73
N MET A 101 -36.33 -1.44 -6.65
CA MET A 101 -35.61 -1.21 -5.41
C MET A 101 -35.27 0.26 -5.38
N LYS A 102 -35.39 0.88 -4.21
CA LYS A 102 -35.02 2.27 -4.09
C LYS A 102 -34.15 2.53 -2.89
N ASN A 103 -33.33 3.58 -3.02
CA ASN A 103 -32.22 3.85 -2.14
C ASN A 103 -32.31 5.32 -1.71
N ALA B 1 -10.54 5.14 -32.14
CA ALA B 1 -11.81 5.05 -31.37
C ALA B 1 -11.92 6.28 -30.45
N PRO B 2 -13.16 6.60 -29.98
CA PRO B 2 -13.34 7.72 -29.02
C PRO B 2 -12.53 7.51 -27.73
N GLN B 3 -12.14 8.60 -27.10
CA GLN B 3 -11.37 8.52 -25.87
C GLN B 3 -12.20 8.92 -24.64
N THR B 4 -13.39 9.47 -24.88
CA THR B 4 -14.30 9.85 -23.80
C THR B 4 -15.75 9.60 -24.19
N ILE B 5 -16.62 9.58 -23.18
CA ILE B 5 -18.05 9.37 -23.42
C ILE B 5 -18.63 10.50 -24.30
N THR B 6 -18.16 11.74 -24.10
CA THR B 6 -18.64 12.91 -24.88
C THR B 6 -18.26 12.78 -26.36
N GLU B 7 -17.01 12.39 -26.64
CA GLU B 7 -16.58 12.07 -28.02
C GLU B 7 -17.45 11.01 -28.65
N LEU B 8 -17.70 9.94 -27.91
CA LEU B 8 -18.49 8.83 -28.42
C LEU B 8 -19.92 9.30 -28.72
N CYS B 9 -20.50 10.04 -27.77
CA CYS B 9 -21.87 10.49 -27.90
C CYS B 9 -22.06 11.39 -29.12
N SER B 10 -21.04 12.22 -29.39
CA SER B 10 -21.02 13.12 -30.55
C SER B 10 -21.02 12.42 -31.91
N GLU B 11 -20.77 11.10 -31.95
CA GLU B 11 -20.80 10.32 -33.21
C GLU B 11 -22.20 9.92 -33.68
N TYR B 12 -23.20 10.11 -32.82
CA TYR B 12 -24.55 9.58 -33.05
C TYR B 12 -25.60 10.67 -33.20
N ARG B 13 -26.64 10.40 -34.00
CA ARG B 13 -27.82 11.28 -34.07
C ARG B 13 -28.73 11.03 -32.87
N ASN B 14 -29.51 12.03 -32.51
CA ASN B 14 -30.52 11.89 -31.46
C ASN B 14 -29.91 11.53 -30.11
N THR B 15 -28.72 12.04 -29.82
CA THR B 15 -28.12 11.79 -28.50
C THR B 15 -27.82 13.09 -27.76
N GLN B 16 -27.69 12.98 -26.45
CA GLN B 16 -27.11 14.04 -25.65
C GLN B 16 -26.50 13.46 -24.37
N ILE B 17 -25.62 14.24 -23.76
CA ILE B 17 -24.99 13.90 -22.49
C ILE B 17 -25.80 14.50 -21.34
N TYR B 18 -26.15 13.64 -20.38
CA TYR B 18 -26.59 14.08 -19.07
C TYR B 18 -25.45 13.90 -18.10
N THR B 19 -25.10 14.97 -17.39
CA THR B 19 -24.11 14.87 -16.32
C THR B 19 -24.87 14.60 -15.03
N ILE B 20 -24.65 13.40 -14.51
CA ILE B 20 -25.44 12.88 -13.39
C ILE B 20 -24.76 13.21 -12.05
N ASN B 21 -23.49 12.82 -11.92
CA ASN B 21 -22.70 13.02 -10.70
C ASN B 21 -23.49 12.59 -9.45
N ASP B 22 -24.08 11.40 -9.52
CA ASP B 22 -24.90 10.87 -8.43
C ASP B 22 -25.05 9.37 -8.56
N LYS B 23 -25.35 8.72 -7.43
CA LYS B 23 -25.73 7.31 -7.43
C LYS B 23 -27.16 7.13 -7.94
N ILE B 24 -27.49 5.91 -8.39
CA ILE B 24 -28.85 5.59 -8.80
C ILE B 24 -29.83 5.65 -7.59
N LEU B 25 -30.97 6.31 -7.77
CA LEU B 25 -32.02 6.32 -6.73
C LEU B 25 -32.87 5.04 -6.76
N SER B 26 -33.39 4.69 -7.93
CA SER B 26 -34.17 3.46 -8.04
C SER B 26 -33.78 2.64 -9.24
N TYR B 27 -33.89 1.32 -9.07
CA TYR B 27 -33.61 0.34 -10.09
C TYR B 27 -34.87 -0.50 -10.30
N THR B 28 -35.32 -0.64 -11.56
CA THR B 28 -36.51 -1.44 -11.92
C THR B 28 -36.15 -2.37 -13.07
N GLU B 29 -36.54 -3.63 -12.94
CA GLU B 29 -36.20 -4.65 -13.92
C GLU B 29 -37.44 -5.46 -14.21
N SER B 30 -37.72 -5.69 -15.50
CA SER B 30 -38.92 -6.39 -15.90
C SER B 30 -38.58 -7.57 -16.80
N MET B 31 -39.23 -8.70 -16.55
CA MET B 31 -39.14 -9.86 -17.44
C MET B 31 -40.48 -10.12 -18.13
N ALA B 32 -41.38 -9.14 -18.09
CA ALA B 32 -42.67 -9.26 -18.73
C ALA B 32 -42.51 -9.21 -20.26
N GLY B 33 -43.28 -10.05 -20.96
CA GLY B 33 -43.18 -10.14 -22.41
C GLY B 33 -43.35 -8.80 -23.15
N LYS B 34 -42.36 -8.48 -23.97
CA LYS B 34 -42.30 -7.26 -24.79
C LYS B 34 -41.86 -6.06 -23.97
N ARG B 35 -41.60 -6.28 -22.69
CA ARG B 35 -41.09 -5.23 -21.80
C ARG B 35 -39.88 -5.72 -20.97
N GLU B 36 -38.98 -6.47 -21.64
CA GLU B 36 -37.79 -7.01 -21.01
C GLU B 36 -36.74 -5.89 -20.99
N MET B 37 -36.71 -5.12 -19.91
CA MET B 37 -36.02 -3.86 -19.86
C MET B 37 -35.66 -3.49 -18.43
N VAL B 38 -34.85 -2.45 -18.32
CA VAL B 38 -34.46 -1.90 -17.01
C VAL B 38 -34.76 -0.39 -17.05
N ILE B 39 -35.23 0.15 -15.91
CA ILE B 39 -35.47 1.58 -15.78
C ILE B 39 -34.73 2.02 -14.53
N ILE B 40 -34.02 3.14 -14.61
CA ILE B 40 -33.33 3.73 -13.44
C ILE B 40 -33.82 5.15 -13.27
N THR B 41 -33.84 5.63 -12.03
CA THR B 41 -34.16 7.03 -11.78
C THR B 41 -33.11 7.62 -10.84
N PHE B 42 -33.06 8.95 -10.84
CA PHE B 42 -32.17 9.73 -9.99
C PHE B 42 -33.00 10.70 -9.17
N LYS B 43 -32.46 11.13 -8.03
CA LYS B 43 -33.17 12.08 -7.18
C LYS B 43 -33.39 13.42 -7.87
N SER B 44 -32.66 13.67 -8.95
CA SER B 44 -32.90 14.83 -9.82
C SER B 44 -34.32 14.81 -10.43
N GLY B 45 -34.91 13.62 -10.51
CA GLY B 45 -36.17 13.39 -11.22
C GLY B 45 -36.02 12.73 -12.58
N GLU B 46 -34.78 12.60 -13.07
CA GLU B 46 -34.54 12.06 -14.42
C GLU B 46 -34.70 10.54 -14.40
N THR B 47 -35.33 10.03 -15.47
CA THR B 47 -35.58 8.60 -15.63
C THR B 47 -34.95 8.17 -16.95
N PHE B 48 -34.32 7.01 -16.95
CA PHE B 48 -33.71 6.44 -18.16
C PHE B 48 -34.02 4.96 -18.29
N GLN B 49 -33.99 4.45 -19.53
CA GLN B 49 -34.18 3.02 -19.79
C GLN B 49 -33.00 2.40 -20.51
N VAL B 50 -32.85 1.09 -20.36
CA VAL B 50 -32.20 0.26 -21.38
C VAL B 50 -33.36 -0.37 -22.16
N GLU B 51 -33.39 -0.08 -23.46
CA GLU B 51 -34.51 -0.50 -24.31
C GLU B 51 -34.60 -2.01 -24.44
N VAL B 52 -35.81 -2.48 -24.67
CA VAL B 52 -36.07 -3.87 -25.08
C VAL B 52 -35.31 -4.09 -26.41
N PRO B 53 -34.60 -5.23 -26.54
CA PRO B 53 -33.89 -5.46 -27.80
C PRO B 53 -34.87 -5.49 -28.98
N GLY B 54 -34.51 -4.86 -30.11
CA GLY B 54 -35.38 -4.82 -31.28
C GLY B 54 -34.60 -4.58 -32.56
N SER B 55 -35.32 -4.25 -33.62
CA SER B 55 -34.72 -4.07 -34.95
C SER B 55 -33.84 -2.81 -35.07
N GLN B 56 -33.92 -1.91 -34.08
CA GLN B 56 -33.03 -0.75 -34.02
C GLN B 56 -31.62 -1.12 -33.51
N HIS B 57 -31.47 -2.39 -33.11
CA HIS B 57 -30.18 -2.93 -32.62
C HIS B 57 -29.57 -3.91 -33.61
N ILE B 58 -28.27 -3.78 -33.86
CA ILE B 58 -27.56 -4.74 -34.69
C ILE B 58 -27.05 -5.89 -33.81
N ASP B 59 -26.64 -7.00 -34.44
CA ASP B 59 -26.24 -8.19 -33.71
C ASP B 59 -25.17 -7.93 -32.66
N SER B 60 -24.18 -7.10 -33.00
CA SER B 60 -23.11 -6.74 -32.05
C SER B 60 -23.59 -6.06 -30.78
N GLN B 61 -24.78 -5.45 -30.84
CA GLN B 61 -25.32 -4.79 -29.67
C GLN B 61 -26.00 -5.72 -28.66
N LYS B 62 -26.32 -6.96 -29.05
CA LYS B 62 -27.11 -7.84 -28.17
C LYS B 62 -26.38 -8.12 -26.86
N LYS B 63 -25.12 -8.54 -26.94
CA LYS B 63 -24.31 -8.77 -25.71
C LYS B 63 -24.10 -7.46 -24.96
N ALA B 64 -23.91 -6.36 -25.69
CA ALA B 64 -23.73 -5.03 -25.05
C ALA B 64 -24.97 -4.56 -24.30
N ILE B 65 -26.15 -4.88 -24.81
CA ILE B 65 -27.40 -4.55 -24.10
C ILE B 65 -27.42 -5.27 -22.75
N GLU B 66 -27.12 -6.56 -22.77
CA GLU B 66 -27.09 -7.38 -21.56
C GLU B 66 -26.05 -6.90 -20.55
N ARG B 67 -24.87 -6.53 -21.03
CA ARG B 67 -23.80 -5.97 -20.20
C ARG B 67 -24.23 -4.67 -19.51
N MET B 68 -24.87 -3.79 -20.27
CA MET B 68 -25.35 -2.51 -19.73
C MET B 68 -26.33 -2.72 -18.55
N LYS B 69 -27.26 -3.65 -18.67
CA LYS B 69 -28.18 -3.97 -17.59
C LYS B 69 -27.42 -4.58 -16.39
N ASP B 70 -26.44 -5.45 -16.67
CA ASP B 70 -25.57 -5.96 -15.59
C ASP B 70 -24.89 -4.79 -14.86
N THR B 71 -24.37 -3.85 -15.63
CA THR B 71 -23.65 -2.68 -15.08
C THR B 71 -24.57 -1.83 -14.21
N LEU B 72 -25.77 -1.56 -14.69
CA LEU B 72 -26.70 -0.71 -13.91
C LEU B 72 -27.08 -1.37 -12.57
N ARG B 73 -27.29 -2.70 -12.57
CA ARG B 73 -27.65 -3.40 -11.31
C ARG B 73 -26.54 -3.33 -10.27
N ILE B 74 -25.32 -3.63 -10.67
CA ILE B 74 -24.22 -3.63 -9.71
C ILE B 74 -23.89 -2.19 -9.27
N THR B 75 -24.08 -1.25 -10.19
CA THR B 75 -23.84 0.18 -9.88
C THR B 75 -24.86 0.62 -8.84
N TYR B 76 -26.11 0.23 -9.04
CA TYR B 76 -27.17 0.51 -8.07
C TYR B 76 -26.81 -0.06 -6.70
N LEU B 77 -26.46 -1.36 -6.67
CA LEU B 77 -26.23 -2.09 -5.41
C LEU B 77 -25.03 -1.59 -4.63
N THR B 78 -24.04 -1.10 -5.36
CA THR B 78 -22.81 -0.63 -4.70
C THR B 78 -22.87 0.87 -4.40
N GLU B 79 -23.98 1.51 -4.79
CA GLU B 79 -24.16 2.96 -4.57
C GLU B 79 -23.06 3.74 -5.28
N THR B 80 -22.63 3.23 -6.43
CA THR B 80 -21.55 3.83 -7.20
C THR B 80 -22.06 5.09 -7.91
N LYS B 81 -21.32 6.18 -7.76
CA LYS B 81 -21.65 7.44 -8.43
C LYS B 81 -21.48 7.33 -9.95
N ILE B 82 -22.54 7.63 -10.68
CA ILE B 82 -22.45 7.75 -12.14
C ILE B 82 -21.99 9.16 -12.49
N ASP B 83 -21.09 9.27 -13.47
CA ASP B 83 -20.59 10.55 -13.92
C ASP B 83 -21.53 11.06 -15.03
N LYS B 84 -21.42 10.49 -16.23
CA LYS B 84 -22.28 10.89 -17.34
C LYS B 84 -23.07 9.72 -17.95
N LEU B 85 -24.22 10.05 -18.52
CA LEU B 85 -24.93 9.15 -19.42
C LEU B 85 -25.02 9.77 -20.81
N CYS B 86 -24.71 8.99 -21.83
CA CYS B 86 -25.02 9.33 -23.19
C CYS B 86 -26.32 8.62 -23.49
N VAL B 87 -27.35 9.38 -23.89
CA VAL B 87 -28.68 8.83 -24.10
C VAL B 87 -29.23 9.23 -25.47
N TRP B 88 -30.08 8.37 -26.02
CA TRP B 88 -30.88 8.71 -27.18
C TRP B 88 -32.12 9.43 -26.67
N ASN B 89 -32.32 10.67 -27.13
CA ASN B 89 -33.44 11.49 -26.68
C ASN B 89 -34.69 11.37 -27.56
N ASN B 90 -34.66 10.48 -28.55
CA ASN B 90 -35.87 10.20 -29.36
C ASN B 90 -36.71 9.05 -28.78
N LYS B 91 -36.50 8.76 -27.50
CA LYS B 91 -37.22 7.70 -26.80
C LYS B 91 -37.67 8.22 -25.44
N THR B 92 -38.79 7.68 -24.93
CA THR B 92 -39.28 8.04 -23.59
C THR B 92 -39.50 6.76 -22.76
N PRO B 93 -38.83 6.64 -21.61
CA PRO B 93 -37.74 7.49 -21.09
C PRO B 93 -36.55 7.51 -22.06
N ASN B 94 -35.67 8.51 -21.92
CA ASN B 94 -34.44 8.53 -22.75
C ASN B 94 -33.70 7.21 -22.58
N SER B 95 -33.10 6.74 -23.67
CA SER B 95 -32.50 5.41 -23.75
C SER B 95 -30.97 5.46 -23.65
N ILE B 96 -30.42 4.64 -22.76
CA ILE B 96 -28.99 4.67 -22.47
C ILE B 96 -28.12 4.06 -23.57
N ALA B 97 -27.19 4.88 -24.08
CA ALA B 97 -26.21 4.45 -25.09
C ALA B 97 -24.87 4.16 -24.43
N ALA B 98 -24.50 4.96 -23.45
CA ALA B 98 -23.22 4.76 -22.78
C ALA B 98 -23.28 5.32 -21.37
N ILE B 99 -22.38 4.84 -20.51
CA ILE B 99 -22.32 5.25 -19.12
C ILE B 99 -20.86 5.48 -18.73
N SER B 100 -20.59 6.50 -17.92
CA SER B 100 -19.25 6.66 -17.35
C SER B 100 -19.37 6.82 -15.84
N MET B 101 -18.31 6.44 -15.14
CA MET B 101 -18.23 6.56 -13.68
C MET B 101 -16.81 6.96 -13.37
N LYS B 102 -16.64 7.91 -12.46
CA LYS B 102 -15.30 8.30 -12.07
C LYS B 102 -15.11 8.33 -10.55
N ASN B 103 -13.85 8.13 -10.16
CA ASN B 103 -13.46 7.80 -8.81
C ASN B 103 -12.33 8.76 -8.42
N ALA C 1 3.77 -22.27 -22.02
CA ALA C 1 3.04 -20.99 -22.00
C ALA C 1 3.84 -19.95 -21.21
N PRO C 2 3.58 -18.64 -21.44
CA PRO C 2 4.24 -17.58 -20.68
C PRO C 2 3.92 -17.67 -19.18
N GLN C 3 4.83 -17.19 -18.36
CA GLN C 3 4.66 -17.25 -16.90
C GLN C 3 4.38 -15.88 -16.30
N THR C 4 4.55 -14.83 -17.10
CA THR C 4 4.29 -13.48 -16.65
C THR C 4 3.70 -12.68 -17.80
N ILE C 5 3.08 -11.55 -17.45
CA ILE C 5 2.53 -10.62 -18.43
C ILE C 5 3.61 -10.08 -19.39
N THR C 6 4.81 -9.82 -18.86
CA THR C 6 5.92 -9.31 -19.68
C THR C 6 6.34 -10.33 -20.78
N GLU C 7 6.51 -11.62 -20.41
N GLU C 7 6.49 -11.60 -20.39
CA GLU C 7 6.77 -12.66 -21.40
CA GLU C 7 6.76 -12.70 -21.33
C GLU C 7 5.64 -12.79 -22.42
C GLU C 7 5.65 -12.84 -22.38
N LEU C 8 4.40 -12.78 -21.94
CA LEU C 8 3.26 -12.84 -22.86
C LEU C 8 3.27 -11.67 -23.83
N CYS C 9 3.46 -10.46 -23.30
CA CYS C 9 3.48 -9.26 -24.12
C CYS C 9 4.54 -9.32 -25.21
N SER C 10 5.70 -9.89 -24.86
CA SER C 10 6.84 -9.94 -25.76
CA SER C 10 6.86 -9.97 -25.75
C SER C 10 6.58 -10.82 -26.99
N GLU C 11 5.54 -11.64 -26.92
CA GLU C 11 5.22 -12.57 -28.01
C GLU C 11 4.57 -11.89 -29.21
N TYR C 12 4.14 -10.65 -29.02
CA TYR C 12 3.31 -9.94 -30.00
C TYR C 12 3.99 -8.70 -30.60
N ARG C 13 3.65 -8.41 -31.86
CA ARG C 13 4.05 -7.16 -32.52
C ARG C 13 3.21 -6.03 -31.96
N ASN C 14 3.75 -4.82 -32.01
CA ASN C 14 2.97 -3.62 -31.67
C ASN C 14 2.44 -3.60 -30.25
N THR C 15 3.19 -4.17 -29.31
CA THR C 15 2.77 -4.14 -27.91
C THR C 15 3.80 -3.44 -27.04
N GLN C 16 3.35 -2.97 -25.87
CA GLN C 16 4.29 -2.58 -24.81
C GLN C 16 3.58 -2.76 -23.47
N ILE C 17 4.39 -2.83 -22.41
CA ILE C 17 3.91 -2.85 -21.02
C ILE C 17 3.85 -1.43 -20.45
N TYR C 18 2.68 -1.08 -19.90
CA TYR C 18 2.54 0.08 -19.03
C TYR C 18 2.51 -0.43 -17.58
N THR C 19 3.40 0.09 -16.75
CA THR C 19 3.34 -0.17 -15.31
C THR C 19 2.41 0.86 -14.71
N ILE C 20 1.25 0.40 -14.26
CA ILE C 20 0.19 1.28 -13.77
C ILE C 20 0.32 1.50 -12.28
N ASN C 21 0.35 0.41 -11.52
CA ASN C 21 0.45 0.47 -10.05
C ASN C 21 -0.58 1.46 -9.45
N ASP C 22 -1.84 1.33 -9.86
CA ASP C 22 -2.89 2.25 -9.43
C ASP C 22 -4.25 1.68 -9.74
N LYS C 23 -5.26 2.16 -9.03
CA LYS C 23 -6.65 1.82 -9.35
C LYS C 23 -7.12 2.64 -10.57
N ILE C 24 -8.16 2.13 -11.22
CA ILE C 24 -8.81 2.83 -12.34
C ILE C 24 -9.47 4.12 -11.82
N LEU C 25 -9.21 5.24 -12.51
CA LEU C 25 -9.83 6.51 -12.20
C LEU C 25 -11.25 6.61 -12.78
N SER C 26 -11.42 6.29 -14.06
CA SER C 26 -12.77 6.30 -14.65
C SER C 26 -13.03 5.06 -15.49
N TYR C 27 -14.30 4.67 -15.53
CA TYR C 27 -14.77 3.53 -16.32
C TYR C 27 -15.90 4.01 -17.26
N THR C 28 -15.76 3.75 -18.55
CA THR C 28 -16.78 4.13 -19.53
C THR C 28 -17.15 2.91 -20.38
N GLU C 29 -18.45 2.70 -20.55
CA GLU C 29 -18.97 1.52 -21.27
C GLU C 29 -20.04 1.97 -22.25
N SER C 30 -19.96 1.47 -23.48
CA SER C 30 -20.87 1.89 -24.51
C SER C 30 -21.56 0.69 -25.14
N MET C 31 -22.86 0.81 -25.39
CA MET C 31 -23.60 -0.17 -26.16
C MET C 31 -24.06 0.40 -27.50
N ALA C 32 -23.52 1.57 -27.86
CA ALA C 32 -23.89 2.22 -29.10
C ALA C 32 -23.31 1.41 -30.27
N GLY C 33 -24.09 1.31 -31.35
CA GLY C 33 -23.75 0.50 -32.53
C GLY C 33 -22.42 0.88 -33.15
N LYS C 34 -21.55 -0.12 -33.28
CA LYS C 34 -20.17 0.03 -33.83
C LYS C 34 -19.18 0.61 -32.81
N ARG C 35 -19.68 0.92 -31.62
CA ARG C 35 -18.85 1.39 -30.52
C ARG C 35 -19.14 0.61 -29.25
N GLU C 36 -19.32 -0.69 -29.38
CA GLU C 36 -19.56 -1.56 -28.23
C GLU C 36 -18.22 -1.86 -27.55
N MET C 37 -17.84 -1.02 -26.59
CA MET C 37 -16.47 -0.97 -26.06
C MET C 37 -16.44 -0.45 -24.63
N VAL C 38 -15.27 -0.56 -24.00
CA VAL C 38 -15.00 -0.03 -22.69
C VAL C 38 -13.77 0.86 -22.79
N ILE C 39 -13.78 1.98 -22.08
CA ILE C 39 -12.61 2.87 -21.99
C ILE C 39 -12.33 3.05 -20.51
N ILE C 40 -11.06 2.95 -20.12
CA ILE C 40 -10.64 3.26 -18.73
C ILE C 40 -9.59 4.35 -18.75
N THR C 41 -9.54 5.15 -17.68
CA THR C 41 -8.48 6.14 -17.55
C THR C 41 -7.85 6.00 -16.18
N PHE C 42 -6.63 6.55 -16.05
CA PHE C 42 -5.91 6.62 -14.80
C PHE C 42 -5.55 8.06 -14.49
N LYS C 43 -5.35 8.36 -13.21
CA LYS C 43 -4.99 9.72 -12.81
C LYS C 43 -3.66 10.18 -13.43
N SER C 44 -2.86 9.22 -13.91
CA SER C 44 -1.64 9.52 -14.69
C SER C 44 -1.94 10.30 -15.97
N GLY C 45 -3.17 10.21 -16.44
CA GLY C 45 -3.59 10.80 -17.72
C GLY C 45 -3.74 9.78 -18.83
N GLU C 46 -3.38 8.53 -18.55
N GLU C 46 -3.38 8.53 -18.55
CA GLU C 46 -3.39 7.50 -19.58
CA GLU C 46 -3.41 7.49 -19.56
C GLU C 46 -4.80 6.95 -19.79
C GLU C 46 -4.80 6.89 -19.79
N THR C 47 -5.13 6.66 -21.06
CA THR C 47 -6.43 6.14 -21.45
C THR C 47 -6.21 4.86 -22.25
N PHE C 48 -7.05 3.86 -21.98
CA PHE C 48 -6.98 2.58 -22.69
C PHE C 48 -8.38 2.10 -23.06
N GLN C 49 -8.45 1.31 -24.13
CA GLN C 49 -9.71 0.70 -24.53
C GLN C 49 -9.65 -0.82 -24.55
N VAL C 50 -10.81 -1.44 -24.46
CA VAL C 50 -11.02 -2.78 -24.97
C VAL C 50 -11.75 -2.58 -26.29
N GLU C 51 -11.13 -3.02 -27.39
CA GLU C 51 -11.64 -2.73 -28.73
C GLU C 51 -12.97 -3.41 -28.99
N VAL C 52 -13.74 -2.79 -29.88
CA VAL C 52 -14.92 -3.37 -30.46
C VAL C 52 -14.48 -4.64 -31.18
N PRO C 53 -15.23 -5.75 -31.00
CA PRO C 53 -14.83 -6.99 -31.70
C PRO C 53 -14.84 -6.81 -33.21
N GLY C 54 -13.81 -7.28 -33.90
CA GLY C 54 -13.72 -7.13 -35.37
C GLY C 54 -12.89 -8.21 -36.00
N SER C 55 -12.52 -8.02 -37.27
CA SER C 55 -11.75 -9.02 -38.02
C SER C 55 -10.29 -9.17 -37.58
N GLN C 56 -9.78 -8.22 -36.78
CA GLN C 56 -8.48 -8.36 -36.11
C GLN C 56 -8.49 -9.36 -34.94
N HIS C 57 -9.69 -9.91 -34.65
CA HIS C 57 -9.86 -10.90 -33.58
C HIS C 57 -10.23 -12.27 -34.15
N ILE C 58 -9.62 -13.32 -33.62
CA ILE C 58 -10.01 -14.70 -33.97
C ILE C 58 -11.16 -15.18 -33.05
N ASP C 59 -11.81 -16.28 -33.43
CA ASP C 59 -12.98 -16.78 -32.68
C ASP C 59 -12.70 -16.99 -31.19
N SER C 60 -11.53 -17.56 -30.88
CA SER C 60 -11.12 -17.82 -29.48
C SER C 60 -11.02 -16.54 -28.65
N GLN C 61 -10.87 -15.40 -29.30
CA GLN C 61 -10.80 -14.11 -28.55
C GLN C 61 -12.17 -13.54 -28.16
N LYS C 62 -13.25 -14.05 -28.74
CA LYS C 62 -14.58 -13.47 -28.49
C LYS C 62 -14.96 -13.53 -27.00
N LYS C 63 -14.87 -14.72 -26.40
CA LYS C 63 -15.18 -14.85 -24.96
C LYS C 63 -14.16 -14.07 -24.12
N ALA C 64 -12.90 -14.04 -24.56
CA ALA C 64 -11.84 -13.35 -23.84
C ALA C 64 -12.04 -11.84 -23.83
N ILE C 65 -12.57 -11.29 -24.93
CA ILE C 65 -12.89 -9.86 -24.97
C ILE C 65 -13.99 -9.54 -23.93
N GLU C 66 -15.02 -10.38 -23.87
CA GLU C 66 -16.11 -10.19 -22.90
C GLU C 66 -15.63 -10.30 -21.46
N ARG C 67 -14.77 -11.29 -21.19
CA ARG C 67 -14.14 -11.47 -19.86
C ARG C 67 -13.33 -10.24 -19.45
N MET C 68 -12.51 -9.72 -20.38
CA MET C 68 -11.68 -8.52 -20.08
C MET C 68 -12.55 -7.34 -19.63
N LYS C 69 -13.64 -7.08 -20.34
CA LYS C 69 -14.57 -6.01 -19.93
C LYS C 69 -15.21 -6.30 -18.56
N ASP C 70 -15.61 -7.55 -18.33
CA ASP C 70 -16.06 -7.98 -16.97
C ASP C 70 -15.00 -7.63 -15.91
N THR C 71 -13.73 -7.94 -16.21
CA THR C 71 -12.62 -7.75 -15.26
C THR C 71 -12.40 -6.27 -14.98
N LEU C 72 -12.44 -5.46 -16.03
CA LEU C 72 -12.25 -4.01 -15.82
C LEU C 72 -13.33 -3.37 -14.94
N ARG C 73 -14.58 -3.78 -15.14
CA ARG C 73 -15.71 -3.26 -14.33
C ARG C 73 -15.58 -3.61 -12.85
N ILE C 74 -15.37 -4.89 -12.54
CA ILE C 74 -15.22 -5.28 -11.14
C ILE C 74 -13.94 -4.69 -10.52
N THR C 75 -12.88 -4.59 -11.30
CA THR C 75 -11.62 -3.95 -10.82
C THR C 75 -11.88 -2.48 -10.46
N TYR C 76 -12.62 -1.79 -11.35
CA TYR C 76 -13.00 -0.39 -11.06
C TYR C 76 -13.83 -0.29 -9.77
N LEU C 77 -14.85 -1.14 -9.65
CA LEU C 77 -15.81 -1.07 -8.56
C LEU C 77 -15.18 -1.39 -7.22
N THR C 78 -14.19 -2.28 -7.24
CA THR C 78 -13.54 -2.68 -5.99
C THR C 78 -12.30 -1.83 -5.66
N GLU C 79 -11.99 -0.87 -6.53
CA GLU C 79 -10.81 -0.01 -6.36
C GLU C 79 -9.53 -0.85 -6.28
N THR C 80 -9.52 -1.95 -7.03
CA THR C 80 -8.38 -2.86 -7.06
C THR C 80 -7.23 -2.23 -7.86
N LYS C 81 -6.04 -2.25 -7.26
CA LYS C 81 -4.84 -1.75 -7.91
C LYS C 81 -4.44 -2.63 -9.09
N ILE C 82 -4.29 -2.01 -10.27
CA ILE C 82 -3.75 -2.71 -11.43
C ILE C 82 -2.23 -2.60 -11.42
N ASP C 83 -1.55 -3.71 -11.70
CA ASP C 83 -0.08 -3.72 -11.71
C ASP C 83 0.36 -3.27 -13.10
N LYS C 84 0.20 -4.15 -14.09
CA LYS C 84 0.63 -3.84 -15.45
C LYS C 84 -0.48 -4.00 -16.48
N LEU C 85 -0.36 -3.26 -17.57
CA LEU C 85 -1.16 -3.53 -18.76
C LEU C 85 -0.25 -3.83 -19.94
N CYS C 86 -0.57 -4.90 -20.66
CA CYS C 86 0.06 -5.15 -21.95
C CYS C 86 -0.91 -4.60 -22.97
N VAL C 87 -0.47 -3.64 -23.77
CA VAL C 87 -1.36 -2.94 -24.72
C VAL C 87 -0.80 -3.00 -26.15
N TRP C 88 -1.69 -3.00 -27.14
CA TRP C 88 -1.29 -2.74 -28.52
C TRP C 88 -1.23 -1.24 -28.70
N ASN C 89 -0.07 -0.77 -29.14
CA ASN C 89 0.16 0.67 -29.28
C ASN C 89 -0.11 1.20 -30.69
N ASN C 90 -0.63 0.34 -31.58
CA ASN C 90 -1.00 0.78 -32.94
C ASN C 90 -2.50 1.14 -33.02
N LYS C 91 -3.09 1.46 -31.85
CA LYS C 91 -4.48 1.89 -31.74
C LYS C 91 -4.55 3.09 -30.81
N THR C 92 -5.53 3.95 -31.01
CA THR C 92 -5.82 5.08 -30.14
C THR C 92 -7.29 5.05 -29.68
N PRO C 93 -7.53 4.99 -28.35
CA PRO C 93 -6.53 4.79 -27.28
C PRO C 93 -5.84 3.44 -27.44
N ASN C 94 -4.69 3.28 -26.78
CA ASN C 94 -3.99 1.98 -26.77
C ASN C 94 -4.96 0.88 -26.33
N SER C 95 -4.85 -0.28 -26.96
CA SER C 95 -5.82 -1.37 -26.81
C SER C 95 -5.31 -2.48 -25.88
N ILE C 96 -6.11 -2.82 -24.87
CA ILE C 96 -5.65 -3.77 -23.85
C ILE C 96 -5.58 -5.20 -24.37
N ALA C 97 -4.41 -5.84 -24.21
CA ALA C 97 -4.19 -7.24 -24.53
C ALA C 97 -4.20 -8.12 -23.28
N ALA C 98 -3.67 -7.61 -22.19
CA ALA C 98 -3.57 -8.38 -20.96
C ALA C 98 -3.47 -7.44 -19.79
N ILE C 99 -3.85 -7.95 -18.62
CA ILE C 99 -3.83 -7.16 -17.38
C ILE C 99 -3.23 -8.02 -16.27
N SER C 100 -2.47 -7.38 -15.38
CA SER C 100 -2.05 -8.05 -14.14
C SER C 100 -2.34 -7.21 -12.89
N MET C 101 -2.57 -7.89 -11.78
CA MET C 101 -2.87 -7.23 -10.53
C MET C 101 -2.11 -8.01 -9.48
N LYS C 102 -1.48 -7.30 -8.56
CA LYS C 102 -0.81 -7.97 -7.45
C LYS C 102 -1.19 -7.42 -6.07
N ASN C 103 -1.07 -8.29 -5.08
CA ASN C 103 -1.63 -8.07 -3.77
C ASN C 103 -0.53 -8.37 -2.76
N ALA D 1 -18.85 -40.60 -7.26
CA ALA D 1 -17.96 -39.47 -7.63
C ALA D 1 -16.97 -39.24 -6.49
N PRO D 2 -15.83 -38.60 -6.79
CA PRO D 2 -14.85 -38.31 -5.73
C PRO D 2 -15.43 -37.39 -4.64
N GLN D 3 -14.92 -37.51 -3.43
CA GLN D 3 -15.43 -36.75 -2.29
C GLN D 3 -14.47 -35.65 -1.85
N THR D 4 -13.25 -35.70 -2.39
CA THR D 4 -12.24 -34.68 -2.12
C THR D 4 -11.42 -34.40 -3.38
N ILE D 5 -10.72 -33.27 -3.36
CA ILE D 5 -9.81 -32.90 -4.44
C ILE D 5 -8.67 -33.92 -4.65
N THR D 6 -8.18 -34.51 -3.56
CA THR D 6 -7.11 -35.50 -3.66
C THR D 6 -7.60 -36.77 -4.35
N GLU D 7 -8.79 -37.22 -3.99
CA GLU D 7 -9.41 -38.39 -4.66
C GLU D 7 -9.58 -38.12 -6.17
N LEU D 8 -10.11 -36.95 -6.49
CA LEU D 8 -10.33 -36.55 -7.87
C LEU D 8 -9.00 -36.51 -8.62
N CYS D 9 -8.00 -35.90 -8.01
CA CYS D 9 -6.70 -35.76 -8.65
C CYS D 9 -6.08 -37.11 -9.02
N SER D 10 -6.22 -38.09 -8.12
CA SER D 10 -5.70 -39.44 -8.34
C SER D 10 -6.32 -40.19 -9.50
N GLU D 11 -7.46 -39.73 -10.01
CA GLU D 11 -8.10 -40.37 -11.16
C GLU D 11 -7.39 -40.07 -12.49
N TYR D 12 -6.48 -39.12 -12.48
CA TYR D 12 -5.86 -38.63 -13.73
C TYR D 12 -4.36 -38.90 -13.80
N ARG D 13 -3.87 -39.09 -15.02
CA ARG D 13 -2.42 -39.18 -15.26
C ARG D 13 -1.85 -37.77 -15.30
N ASN D 14 -0.56 -37.65 -14.99
CA ASN D 14 0.19 -36.40 -15.08
C ASN D 14 -0.35 -35.32 -14.16
N THR D 15 -0.86 -35.71 -13.00
CA THR D 15 -1.35 -34.71 -12.02
C THR D 15 -0.62 -34.82 -10.70
N GLN D 16 -0.68 -33.74 -9.92
CA GLN D 16 -0.28 -33.77 -8.52
C GLN D 16 -1.00 -32.67 -7.75
N ILE D 17 -1.06 -32.84 -6.43
CA ILE D 17 -1.65 -31.84 -5.56
C ILE D 17 -0.54 -30.92 -5.05
N TYR D 18 -0.76 -29.61 -5.17
CA TYR D 18 0.00 -28.60 -4.45
C TYR D 18 -0.87 -28.13 -3.31
N THR D 19 -0.34 -28.17 -2.09
CA THR D 19 -1.02 -27.58 -0.93
C THR D 19 -0.52 -26.15 -0.83
N ILE D 20 -1.45 -25.22 -1.03
CA ILE D 20 -1.14 -23.81 -1.14
C ILE D 20 -1.28 -23.13 0.20
N ASN D 21 -2.46 -23.27 0.81
CA ASN D 21 -2.79 -22.62 2.08
C ASN D 21 -2.43 -21.15 2.06
N ASP D 22 -2.83 -20.44 1.02
CA ASP D 22 -2.50 -19.03 0.89
C ASP D 22 -3.43 -18.36 -0.13
N LYS D 23 -3.56 -17.04 -0.02
CA LYS D 23 -4.26 -16.27 -1.07
C LYS D 23 -3.35 -16.13 -2.31
N ILE D 24 -3.97 -15.80 -3.44
CA ILE D 24 -3.25 -15.52 -4.68
C ILE D 24 -2.43 -14.22 -4.55
N LEU D 25 -1.16 -14.28 -4.94
CA LEU D 25 -0.32 -13.08 -4.96
C LEU D 25 -0.58 -12.21 -6.18
N SER D 26 -0.61 -12.82 -7.36
CA SER D 26 -0.85 -12.06 -8.59
C SER D 26 -1.83 -12.80 -9.49
N TYR D 27 -2.63 -12.01 -10.21
CA TYR D 27 -3.59 -12.48 -11.20
C TYR D 27 -3.26 -11.83 -12.54
N THR D 28 -3.11 -12.64 -13.59
CA THR D 28 -2.86 -12.15 -14.96
C THR D 28 -3.88 -12.77 -15.92
N GLU D 29 -4.46 -11.94 -16.78
CA GLU D 29 -5.48 -12.40 -17.69
C GLU D 29 -5.17 -11.83 -19.07
N SER D 30 -5.24 -12.69 -20.09
CA SER D 30 -4.90 -12.26 -21.44
C SER D 30 -6.03 -12.56 -22.40
N MET D 31 -6.31 -11.60 -23.29
CA MET D 31 -7.25 -11.81 -24.40
C MET D 31 -6.54 -11.80 -25.74
N ALA D 32 -5.21 -11.89 -25.70
CA ALA D 32 -4.40 -11.92 -26.91
C ALA D 32 -4.62 -13.25 -27.65
N GLY D 33 -4.69 -13.19 -28.98
CA GLY D 33 -4.97 -14.36 -29.79
C GLY D 33 -4.00 -15.50 -29.57
N LYS D 34 -4.56 -16.68 -29.31
CA LYS D 34 -3.82 -17.93 -29.05
C LYS D 34 -3.25 -17.96 -27.63
N ARG D 35 -3.46 -16.88 -26.89
CA ARG D 35 -3.07 -16.83 -25.48
C ARG D 35 -4.23 -16.36 -24.59
N GLU D 36 -5.42 -16.87 -24.86
CA GLU D 36 -6.59 -16.53 -24.06
C GLU D 36 -6.59 -17.38 -22.80
N MET D 37 -5.98 -16.87 -21.73
CA MET D 37 -5.60 -17.66 -20.56
C MET D 37 -5.48 -16.78 -19.32
N VAL D 38 -5.35 -17.45 -18.17
CA VAL D 38 -5.14 -16.82 -16.87
C VAL D 38 -3.89 -17.44 -16.23
N ILE D 39 -3.08 -16.59 -15.60
CA ILE D 39 -1.91 -17.05 -14.86
C ILE D 39 -2.03 -16.52 -13.46
N ILE D 40 -1.82 -17.39 -12.47
CA ILE D 40 -1.79 -16.95 -11.07
C ILE D 40 -0.43 -17.28 -10.44
N THR D 41 0.02 -16.47 -9.49
CA THR D 41 1.26 -16.80 -8.78
C THR D 41 0.99 -16.67 -7.28
N PHE D 42 1.85 -17.32 -6.50
CA PHE D 42 1.82 -17.27 -5.05
C PHE D 42 3.16 -16.78 -4.55
N LYS D 43 3.17 -16.24 -3.33
CA LYS D 43 4.39 -15.74 -2.72
C LYS D 43 5.44 -16.84 -2.51
N SER D 44 5.00 -18.10 -2.54
CA SER D 44 5.90 -19.25 -2.54
C SER D 44 6.82 -19.28 -3.76
N GLY D 45 6.41 -18.58 -4.82
CA GLY D 45 7.11 -18.60 -6.11
C GLY D 45 6.41 -19.47 -7.14
N GLU D 46 5.38 -20.20 -6.73
CA GLU D 46 4.70 -21.13 -7.64
C GLU D 46 3.76 -20.40 -8.58
N THR D 47 3.80 -20.79 -9.86
CA THR D 47 3.02 -20.19 -10.93
C THR D 47 2.15 -21.27 -11.56
N PHE D 48 0.88 -20.95 -11.83
CA PHE D 48 -0.05 -21.88 -12.47
C PHE D 48 -0.88 -21.20 -13.56
N GLN D 49 -1.34 -21.99 -14.52
CA GLN D 49 -2.17 -21.45 -15.59
C GLN D 49 -3.53 -22.14 -15.67
N VAL D 50 -4.53 -21.44 -16.23
CA VAL D 50 -5.66 -22.12 -16.86
C VAL D 50 -5.32 -22.11 -18.35
N GLU D 51 -5.20 -23.29 -18.94
CA GLU D 51 -4.76 -23.38 -20.32
C GLU D 51 -5.77 -22.76 -21.29
N VAL D 52 -5.24 -22.35 -22.46
CA VAL D 52 -6.04 -21.92 -23.59
C VAL D 52 -6.85 -23.14 -24.04
N PRO D 53 -8.16 -22.96 -24.32
CA PRO D 53 -8.95 -24.12 -24.76
C PRO D 53 -8.34 -24.75 -26.03
N GLY D 54 -8.27 -26.07 -26.08
CA GLY D 54 -7.68 -26.75 -27.24
C GLY D 54 -8.20 -28.15 -27.38
N SER D 55 -7.55 -28.93 -28.23
CA SER D 55 -8.01 -30.30 -28.53
C SER D 55 -7.78 -31.31 -27.40
N GLN D 56 -7.02 -30.91 -26.38
CA GLN D 56 -6.85 -31.71 -25.16
C GLN D 56 -8.07 -31.58 -24.22
N HIS D 57 -9.05 -30.78 -24.67
CA HIS D 57 -10.28 -30.52 -23.90
C HIS D 57 -11.47 -31.08 -24.64
N ILE D 58 -12.34 -31.78 -23.92
CA ILE D 58 -13.62 -32.24 -24.48
C ILE D 58 -14.68 -31.13 -24.33
N ASP D 59 -15.80 -31.26 -25.04
CA ASP D 59 -16.86 -30.25 -25.05
C ASP D 59 -17.37 -29.89 -23.64
N SER D 60 -17.55 -30.90 -22.79
CA SER D 60 -18.01 -30.66 -21.40
C SER D 60 -17.08 -29.79 -20.58
N GLN D 61 -15.81 -29.72 -20.99
CA GLN D 61 -14.84 -28.88 -20.28
C GLN D 61 -14.88 -27.38 -20.65
N LYS D 62 -15.54 -27.04 -21.77
CA LYS D 62 -15.53 -25.64 -22.23
C LYS D 62 -16.11 -24.66 -21.19
N LYS D 63 -17.31 -24.94 -20.68
CA LYS D 63 -17.92 -24.10 -19.64
C LYS D 63 -17.08 -24.16 -18.35
N ALA D 64 -16.54 -25.34 -18.06
CA ALA D 64 -15.75 -25.56 -16.85
C ALA D 64 -14.47 -24.72 -16.85
N ILE D 65 -13.85 -24.60 -18.02
CA ILE D 65 -12.66 -23.76 -18.17
C ILE D 65 -13.03 -22.29 -17.86
N GLU D 66 -14.15 -21.83 -18.40
CA GLU D 66 -14.60 -20.45 -18.16
C GLU D 66 -14.94 -20.22 -16.68
N ARG D 67 -15.61 -21.18 -16.06
CA ARG D 67 -15.91 -21.13 -14.62
C ARG D 67 -14.62 -21.02 -13.79
N MET D 68 -13.59 -21.81 -14.16
CA MET D 68 -12.35 -21.85 -13.35
C MET D 68 -11.69 -20.46 -13.35
N LYS D 69 -11.62 -19.81 -14.52
CA LYS D 69 -11.11 -18.43 -14.63
C LYS D 69 -11.96 -17.43 -13.82
N ASP D 70 -13.29 -17.57 -13.88
CA ASP D 70 -14.21 -16.79 -13.01
C ASP D 70 -13.84 -16.97 -11.55
N THR D 71 -13.67 -18.22 -11.13
CA THR D 71 -13.30 -18.54 -9.76
C THR D 71 -11.98 -17.92 -9.35
N LEU D 72 -10.97 -18.00 -10.21
CA LEU D 72 -9.66 -17.45 -9.85
C LEU D 72 -9.70 -15.93 -9.65
N ARG D 73 -10.44 -15.22 -10.51
CA ARG D 73 -10.53 -13.74 -10.41
C ARG D 73 -11.19 -13.33 -9.10
N ILE D 74 -12.36 -13.90 -8.80
CA ILE D 74 -13.03 -13.53 -7.56
C ILE D 74 -12.26 -13.97 -6.30
N THR D 75 -11.60 -15.12 -6.38
CA THR D 75 -10.73 -15.60 -5.29
C THR D 75 -9.60 -14.59 -5.04
N TYR D 76 -8.98 -14.11 -6.11
CA TYR D 76 -7.95 -13.09 -6.03
C TYR D 76 -8.48 -11.81 -5.38
N LEU D 77 -9.61 -11.32 -5.89
CA LEU D 77 -10.18 -10.05 -5.46
C LEU D 77 -10.64 -10.05 -4.01
N THR D 78 -11.06 -11.22 -3.53
CA THR D 78 -11.57 -11.32 -2.15
C THR D 78 -10.46 -11.76 -1.17
N GLU D 79 -9.25 -11.97 -1.69
CA GLU D 79 -8.11 -12.43 -0.88
C GLU D 79 -8.44 -13.76 -0.20
N THR D 80 -9.19 -14.61 -0.89
CA THR D 80 -9.62 -15.87 -0.33
C THR D 80 -8.46 -16.87 -0.35
N LYS D 81 -8.25 -17.53 0.79
CA LYS D 81 -7.19 -18.51 0.91
C LYS D 81 -7.53 -19.76 0.09
N ILE D 82 -6.61 -20.17 -0.77
CA ILE D 82 -6.74 -21.42 -1.51
C ILE D 82 -6.13 -22.54 -0.68
N ASP D 83 -6.81 -23.69 -0.65
CA ASP D 83 -6.32 -24.83 0.12
C ASP D 83 -5.38 -25.61 -0.80
N LYS D 84 -5.95 -26.35 -1.73
CA LYS D 84 -5.17 -27.16 -2.65
C LYS D 84 -5.43 -26.84 -4.12
N LEU D 85 -4.43 -27.11 -4.96
CA LEU D 85 -4.66 -27.17 -6.39
C LEU D 85 -4.28 -28.57 -6.90
N CYS D 86 -5.14 -29.12 -7.74
CA CYS D 86 -4.81 -30.30 -8.51
C CYS D 86 -4.38 -29.77 -9.86
N VAL D 87 -3.16 -30.09 -10.28
CA VAL D 87 -2.58 -29.56 -11.51
C VAL D 87 -2.02 -30.66 -12.39
N TRP D 88 -2.04 -30.41 -13.70
CA TRP D 88 -1.31 -31.25 -14.63
C TRP D 88 0.12 -30.75 -14.68
N ASN D 89 1.06 -31.65 -14.42
CA ASN D 89 2.47 -31.28 -14.34
C ASN D 89 3.22 -31.54 -15.66
N ASN D 90 2.50 -31.90 -16.71
CA ASN D 90 3.12 -32.04 -18.04
C ASN D 90 2.96 -30.76 -18.87
N LYS D 91 2.75 -29.65 -18.19
CA LYS D 91 2.63 -28.32 -18.82
C LYS D 91 3.44 -27.33 -18.00
N THR D 92 3.97 -26.30 -18.67
CA THR D 92 4.63 -25.17 -18.00
C THR D 92 3.96 -23.85 -18.40
N PRO D 93 3.48 -23.06 -17.42
CA PRO D 93 3.31 -23.39 -16.00
C PRO D 93 2.38 -24.62 -15.81
N ASN D 94 2.47 -25.28 -14.65
CA ASN D 94 1.53 -26.36 -14.34
C ASN D 94 0.09 -25.89 -14.57
N SER D 95 -0.75 -26.78 -15.07
CA SER D 95 -2.08 -26.41 -15.52
C SER D 95 -3.17 -26.85 -14.52
N ILE D 96 -4.04 -25.93 -14.12
CA ILE D 96 -5.03 -26.19 -13.07
C ILE D 96 -6.16 -27.11 -13.57
N ALA D 97 -6.34 -28.21 -12.84
CA ALA D 97 -7.45 -29.16 -13.06
C ALA D 97 -8.58 -28.95 -12.05
N ALA D 98 -8.22 -28.63 -10.81
CA ALA D 98 -9.21 -28.42 -9.76
C ALA D 98 -8.66 -27.51 -8.67
N ILE D 99 -9.56 -26.93 -7.89
CA ILE D 99 -9.17 -26.03 -6.82
C ILE D 99 -10.02 -26.36 -5.59
N SER D 100 -9.44 -26.23 -4.41
CA SER D 100 -10.24 -26.26 -3.18
C SER D 100 -9.91 -25.05 -2.27
N MET D 101 -10.88 -24.66 -1.48
CA MET D 101 -10.71 -23.57 -0.50
C MET D 101 -11.43 -24.00 0.73
N LYS D 102 -10.85 -23.70 1.90
CA LYS D 102 -11.52 -24.04 3.13
C LYS D 102 -11.52 -22.89 4.14
N ASN D 103 -12.54 -22.92 4.99
CA ASN D 103 -12.91 -21.81 5.83
C ASN D 103 -13.07 -22.31 7.27
N ALA E 1 -47.18 -24.41 -8.12
CA ALA E 1 -45.75 -24.74 -7.82
C ALA E 1 -45.53 -24.85 -6.31
N PRO E 2 -44.47 -25.56 -5.89
CA PRO E 2 -44.14 -25.67 -4.45
C PRO E 2 -43.86 -24.30 -3.83
N GLN E 3 -44.13 -24.18 -2.53
CA GLN E 3 -43.91 -22.93 -1.83
C GLN E 3 -42.71 -22.97 -0.90
N THR E 4 -42.19 -24.17 -0.67
CA THR E 4 -41.01 -24.37 0.17
C THR E 4 -40.12 -25.46 -0.42
N ILE E 5 -38.87 -25.50 0.03
CA ILE E 5 -37.92 -26.53 -0.38
C ILE E 5 -38.39 -27.94 0.03
N THR E 6 -39.02 -28.07 1.20
CA THR E 6 -39.51 -29.37 1.66
C THR E 6 -40.65 -29.89 0.76
N GLU E 7 -41.57 -29.00 0.40
CA GLU E 7 -42.64 -29.30 -0.54
C GLU E 7 -42.05 -29.77 -1.89
N LEU E 8 -41.10 -29.01 -2.41
CA LEU E 8 -40.43 -29.37 -3.66
C LEU E 8 -39.74 -30.73 -3.56
N CYS E 9 -38.97 -30.93 -2.49
CA CYS E 9 -38.24 -32.16 -2.27
C CYS E 9 -39.14 -33.41 -2.28
N SER E 10 -40.32 -33.32 -1.68
CA SER E 10 -41.28 -34.44 -1.62
C SER E 10 -41.83 -34.85 -2.99
N GLU E 11 -41.63 -34.02 -4.01
CA GLU E 11 -42.11 -34.35 -5.35
C GLU E 11 -41.26 -35.40 -6.06
N TYR E 12 -40.07 -35.69 -5.51
CA TYR E 12 -39.05 -36.51 -6.19
C TYR E 12 -38.74 -37.80 -5.45
N ARG E 13 -38.40 -38.86 -6.21
CA ARG E 13 -37.88 -40.09 -5.60
C ARG E 13 -36.40 -39.93 -5.22
N ASN E 14 -35.98 -40.72 -4.25
CA ASN E 14 -34.58 -40.77 -3.88
C ASN E 14 -34.07 -39.42 -3.36
N THR E 15 -34.93 -38.65 -2.70
CA THR E 15 -34.49 -37.39 -2.11
C THR E 15 -34.67 -37.36 -0.59
N GLN E 16 -33.94 -36.46 0.06
CA GLN E 16 -34.22 -36.11 1.45
C GLN E 16 -33.71 -34.69 1.74
N ILE E 17 -34.25 -34.11 2.80
CA ILE E 17 -33.82 -32.78 3.26
C ILE E 17 -32.75 -32.94 4.35
N TYR E 18 -31.63 -32.23 4.18
CA TYR E 18 -30.65 -32.04 5.22
C TYR E 18 -30.84 -30.61 5.74
N THR E 19 -31.07 -30.49 7.04
CA THR E 19 -31.09 -29.16 7.66
C THR E 19 -29.68 -28.83 8.11
N ILE E 20 -29.05 -27.94 7.35
CA ILE E 20 -27.65 -27.60 7.51
C ILE E 20 -27.45 -26.51 8.57
N ASN E 21 -28.17 -25.39 8.41
CA ASN E 21 -28.07 -24.26 9.33
C ASN E 21 -26.60 -23.89 9.60
N ASP E 22 -25.82 -23.78 8.53
CA ASP E 22 -24.40 -23.47 8.68
C ASP E 22 -23.81 -22.96 7.35
N LYS E 23 -22.71 -22.23 7.44
CA LYS E 23 -21.96 -21.87 6.24
C LYS E 23 -21.17 -23.06 5.71
N ILE E 24 -20.81 -22.97 4.43
CA ILE E 24 -19.98 -24.00 3.78
C ILE E 24 -18.57 -23.97 4.41
N LEU E 25 -18.06 -25.15 4.75
CA LEU E 25 -16.69 -25.27 5.28
C LEU E 25 -15.65 -25.28 4.14
N SER E 26 -15.88 -26.11 3.12
CA SER E 26 -14.96 -26.16 1.97
C SER E 26 -15.69 -26.16 0.64
N TYR E 27 -15.04 -25.55 -0.35
CA TYR E 27 -15.56 -25.48 -1.72
C TYR E 27 -14.49 -26.05 -2.67
N THR E 28 -14.88 -27.00 -3.52
CA THR E 28 -13.97 -27.68 -4.45
C THR E 28 -14.63 -27.67 -5.83
N GLU E 29 -13.85 -27.30 -6.85
CA GLU E 29 -14.34 -27.12 -8.19
C GLU E 29 -13.33 -27.77 -9.15
N SER E 30 -13.85 -28.56 -10.07
CA SER E 30 -13.01 -29.30 -11.01
C SER E 30 -13.40 -29.02 -12.44
N MET E 31 -12.40 -28.80 -13.29
CA MET E 31 -12.61 -28.70 -14.75
C MET E 31 -11.98 -29.89 -15.47
N ALA E 32 -11.62 -30.92 -14.70
CA ALA E 32 -11.04 -32.12 -15.29
C ALA E 32 -12.09 -32.90 -16.10
N GLY E 33 -11.70 -33.44 -17.24
CA GLY E 33 -12.62 -34.12 -18.13
C GLY E 33 -13.41 -35.25 -17.48
N LYS E 34 -14.73 -35.20 -17.62
CA LYS E 34 -15.68 -36.19 -17.04
C LYS E 34 -15.90 -35.99 -15.56
N ARG E 35 -15.22 -35.00 -14.98
CA ARG E 35 -15.40 -34.62 -13.57
C ARG E 35 -15.62 -33.12 -13.43
N GLU E 36 -16.40 -32.55 -14.34
CA GLU E 36 -16.70 -31.12 -14.30
C GLU E 36 -17.81 -30.89 -13.26
N MET E 37 -17.41 -30.60 -12.02
CA MET E 37 -18.31 -30.68 -10.87
C MET E 37 -17.85 -29.80 -9.73
N VAL E 38 -18.72 -29.65 -8.75
CA VAL E 38 -18.39 -28.93 -7.54
C VAL E 38 -18.68 -29.84 -6.35
N ILE E 39 -17.86 -29.76 -5.29
CA ILE E 39 -18.07 -30.51 -4.06
C ILE E 39 -18.01 -29.51 -2.91
N ILE E 40 -18.97 -29.60 -2.00
CA ILE E 40 -18.94 -28.78 -0.79
C ILE E 40 -18.99 -29.67 0.43
N THR E 41 -18.40 -29.21 1.53
CA THR E 41 -18.45 -29.91 2.78
C THR E 41 -18.86 -28.94 3.89
N PHE E 42 -19.33 -29.52 5.00
CA PHE E 42 -19.68 -28.78 6.21
C PHE E 42 -18.92 -29.34 7.39
N LYS E 43 -18.76 -28.51 8.43
CA LYS E 43 -18.05 -28.98 9.63
C LYS E 43 -18.76 -30.14 10.32
N SER E 44 -20.01 -30.38 9.96
CA SER E 44 -20.77 -31.54 10.40
C SER E 44 -20.16 -32.87 9.91
N GLY E 45 -19.35 -32.79 8.86
CA GLY E 45 -18.79 -33.95 8.20
C GLY E 45 -19.49 -34.31 6.89
N GLU E 46 -20.66 -33.74 6.60
CA GLU E 46 -21.31 -34.05 5.32
C GLU E 46 -20.66 -33.41 4.12
N THR E 47 -20.74 -34.15 3.03
CA THR E 47 -20.19 -33.77 1.73
C THR E 47 -21.31 -33.91 0.69
N PHE E 48 -21.44 -32.91 -0.17
CA PHE E 48 -22.40 -32.93 -1.26
C PHE E 48 -21.76 -32.52 -2.57
N GLN E 49 -22.33 -32.97 -3.69
CA GLN E 49 -21.87 -32.59 -5.00
C GLN E 49 -22.95 -31.92 -5.82
N VAL E 50 -22.53 -31.14 -6.81
CA VAL E 50 -23.39 -30.83 -7.96
C VAL E 50 -22.84 -31.74 -9.04
N GLU E 51 -23.70 -32.64 -9.52
CA GLU E 51 -23.25 -33.68 -10.47
C GLU E 51 -22.76 -33.13 -11.80
N VAL E 52 -21.87 -33.90 -12.42
CA VAL E 52 -21.48 -33.70 -13.82
C VAL E 52 -22.74 -33.83 -14.68
N PRO E 53 -22.97 -32.88 -15.62
CA PRO E 53 -24.15 -32.99 -16.47
C PRO E 53 -24.16 -34.32 -17.24
N GLY E 54 -25.32 -34.99 -17.30
CA GLY E 54 -25.40 -36.29 -17.95
C GLY E 54 -26.81 -36.59 -18.45
N SER E 55 -27.04 -37.84 -18.86
CA SER E 55 -28.35 -38.24 -19.39
C SER E 55 -29.48 -38.32 -18.34
N GLN E 56 -29.13 -38.25 -17.05
CA GLN E 56 -30.11 -38.12 -15.97
C GLN E 56 -30.69 -36.69 -15.88
N HIS E 57 -30.18 -35.79 -16.72
CA HIS E 57 -30.62 -34.38 -16.73
C HIS E 57 -31.33 -34.05 -18.05
N ILE E 58 -32.44 -33.33 -17.97
CA ILE E 58 -33.14 -32.83 -19.16
C ILE E 58 -32.57 -31.47 -19.54
N ASP E 59 -32.89 -31.02 -20.76
CA ASP E 59 -32.32 -29.79 -21.31
C ASP E 59 -32.56 -28.58 -20.42
N SER E 60 -33.74 -28.47 -19.84
CA SER E 60 -34.07 -27.37 -18.92
C SER E 60 -33.18 -27.33 -17.66
N GLN E 61 -32.54 -28.46 -17.33
CA GLN E 61 -31.67 -28.47 -16.15
C GLN E 61 -30.27 -27.94 -16.43
N LYS E 62 -29.85 -27.85 -17.70
CA LYS E 62 -28.46 -27.43 -18.02
C LYS E 62 -28.12 -26.06 -17.42
N LYS E 63 -28.94 -25.05 -17.68
CA LYS E 63 -28.68 -23.73 -17.10
C LYS E 63 -28.82 -23.75 -15.58
N ALA E 64 -29.73 -24.58 -15.08
CA ALA E 64 -29.95 -24.68 -13.62
C ALA E 64 -28.76 -25.29 -12.90
N ILE E 65 -28.12 -26.27 -13.54
CA ILE E 65 -26.90 -26.87 -12.98
C ILE E 65 -25.81 -25.81 -12.86
N GLU E 66 -25.60 -25.04 -13.93
CA GLU E 66 -24.62 -23.92 -13.90
C GLU E 66 -24.93 -22.87 -12.85
N ARG E 67 -26.22 -22.52 -12.71
CA ARG E 67 -26.66 -21.55 -11.68
C ARG E 67 -26.36 -22.08 -10.27
N MET E 68 -26.64 -23.36 -10.04
CA MET E 68 -26.40 -23.95 -8.70
C MET E 68 -24.92 -23.85 -8.27
N LYS E 69 -23.99 -24.17 -9.19
CA LYS E 69 -22.55 -23.99 -8.95
C LYS E 69 -22.19 -22.51 -8.73
N ASP E 70 -22.78 -21.60 -9.50
CA ASP E 70 -22.63 -20.16 -9.24
C ASP E 70 -23.04 -19.84 -7.81
N THR E 71 -24.20 -20.34 -7.39
CA THR E 71 -24.74 -20.05 -6.05
C THR E 71 -23.87 -20.61 -4.94
N LEU E 72 -23.36 -21.82 -5.11
CA LEU E 72 -22.49 -22.39 -4.08
C LEU E 72 -21.18 -21.62 -3.88
N ARG E 73 -20.57 -21.14 -4.99
CA ARG E 73 -19.33 -20.36 -4.89
C ARG E 73 -19.54 -19.05 -4.15
N ILE E 74 -20.56 -18.28 -4.55
CA ILE E 74 -20.78 -16.99 -3.87
C ILE E 74 -21.24 -17.19 -2.42
N THR E 75 -22.00 -18.26 -2.18
CA THR E 75 -22.44 -18.58 -0.80
C THR E 75 -21.20 -18.89 0.06
N TYR E 76 -20.26 -19.63 -0.52
CA TYR E 76 -19.02 -19.97 0.18
C TYR E 76 -18.25 -18.70 0.51
N LEU E 77 -18.09 -17.85 -0.49
CA LEU E 77 -17.24 -16.66 -0.39
C LEU E 77 -17.79 -15.65 0.59
N THR E 78 -19.12 -15.59 0.72
CA THR E 78 -19.77 -14.61 1.57
C THR E 78 -20.03 -15.16 2.97
N GLU E 79 -19.67 -16.43 3.19
CA GLU E 79 -19.93 -17.13 4.45
C GLU E 79 -21.42 -17.11 4.77
N THR E 80 -22.24 -17.23 3.73
CA THR E 80 -23.70 -17.22 3.90
C THR E 80 -24.16 -18.54 4.50
N LYS E 81 -24.98 -18.46 5.54
CA LYS E 81 -25.52 -19.66 6.17
C LYS E 81 -26.53 -20.33 5.24
N ILE E 82 -26.33 -21.62 4.98
CA ILE E 82 -27.32 -22.41 4.27
C ILE E 82 -28.36 -22.96 5.23
N ASP E 83 -29.63 -22.92 4.87
CA ASP E 83 -30.69 -23.45 5.73
C ASP E 83 -30.86 -24.95 5.46
N LYS E 84 -31.44 -25.29 4.32
CA LYS E 84 -31.66 -26.68 3.95
C LYS E 84 -31.05 -27.02 2.59
N LEU E 85 -30.72 -28.30 2.42
CA LEU E 85 -30.46 -28.84 1.10
C LEU E 85 -31.42 -29.98 0.83
N CYS E 86 -32.01 -29.98 -0.38
CA CYS E 86 -32.70 -31.14 -0.88
C CYS E 86 -31.70 -31.87 -1.74
N VAL E 87 -31.44 -33.14 -1.42
CA VAL E 87 -30.40 -33.89 -2.11
C VAL E 87 -30.95 -35.22 -2.61
N TRP E 88 -30.42 -35.69 -3.74
CA TRP E 88 -30.65 -37.07 -4.16
C TRP E 88 -29.67 -37.96 -3.39
N ASN E 89 -30.21 -38.96 -2.69
CA ASN E 89 -29.42 -39.86 -1.84
C ASN E 89 -29.00 -41.17 -2.55
N ASN E 90 -29.33 -41.30 -3.83
CA ASN E 90 -28.87 -42.44 -4.62
C ASN E 90 -27.54 -42.16 -5.32
N LYS E 91 -26.83 -41.14 -4.84
CA LYS E 91 -25.51 -40.79 -5.37
C LYS E 91 -24.55 -40.58 -4.21
N THR E 92 -23.25 -40.80 -4.46
CA THR E 92 -22.19 -40.53 -3.47
C THR E 92 -21.12 -39.62 -4.10
N PRO E 93 -20.87 -38.44 -3.52
CA PRO E 93 -21.60 -37.79 -2.42
C PRO E 93 -23.06 -37.54 -2.83
N ASN E 94 -23.94 -37.35 -1.85
CA ASN E 94 -25.32 -36.96 -2.15
C ASN E 94 -25.35 -35.75 -3.09
N SER E 95 -26.30 -35.74 -4.00
CA SER E 95 -26.33 -34.78 -5.10
C SER E 95 -27.38 -33.69 -4.86
N ILE E 96 -26.94 -32.43 -4.93
CA ILE E 96 -27.82 -31.31 -4.62
C ILE E 96 -28.93 -31.07 -5.69
N ALA E 97 -30.17 -31.07 -5.24
CA ALA E 97 -31.33 -30.75 -6.08
C ALA E 97 -31.81 -29.32 -5.86
N ALA E 98 -31.77 -28.88 -4.60
CA ALA E 98 -32.23 -27.54 -4.24
C ALA E 98 -31.52 -27.06 -2.99
N ILE E 99 -31.51 -25.74 -2.79
CA ILE E 99 -30.85 -25.12 -1.66
C ILE E 99 -31.77 -24.01 -1.15
N SER E 100 -31.79 -23.79 0.16
CA SER E 100 -32.47 -22.65 0.74
C SER E 100 -31.56 -21.95 1.75
N MET E 101 -31.77 -20.65 1.92
CA MET E 101 -30.99 -19.83 2.85
C MET E 101 -31.98 -18.86 3.45
N LYS E 102 -31.88 -18.68 4.77
CA LYS E 102 -32.71 -17.69 5.42
C LYS E 102 -31.91 -16.70 6.28
N ASN E 103 -32.52 -15.54 6.48
CA ASN E 103 -31.84 -14.39 7.02
C ASN E 103 -32.74 -13.81 8.13
N ALA F 1 0.70 29.80 3.77
CA ALA F 1 0.83 28.68 4.73
C ALA F 1 0.42 29.15 6.12
N PRO F 2 0.04 28.23 7.02
CA PRO F 2 -0.30 28.61 8.41
C PRO F 2 0.87 29.30 9.12
N GLN F 3 0.56 30.18 10.07
CA GLN F 3 1.58 30.92 10.81
C GLN F 3 1.73 30.44 12.24
N THR F 4 0.81 29.59 12.68
CA THR F 4 0.83 29.00 14.02
C THR F 4 0.32 27.57 13.99
N ILE F 5 0.61 26.84 15.05
CA ILE F 5 0.15 25.45 15.18
C ILE F 5 -1.39 25.38 15.25
N THR F 6 -2.03 26.37 15.89
CA THR F 6 -3.50 26.41 15.97
C THR F 6 -4.14 26.61 14.59
N GLU F 7 -3.56 27.52 13.81
CA GLU F 7 -4.00 27.76 12.44
C GLU F 7 -3.86 26.47 11.60
N LEU F 8 -2.71 25.82 11.70
CA LEU F 8 -2.46 24.56 11.01
C LEU F 8 -3.46 23.47 11.43
N CYS F 9 -3.65 23.33 12.73
CA CYS F 9 -4.53 22.28 13.27
C CYS F 9 -5.97 22.44 12.75
N SER F 10 -6.44 23.69 12.73
CA SER F 10 -7.74 24.05 12.13
C SER F 10 -8.00 23.58 10.68
N GLU F 11 -6.95 23.25 9.93
CA GLU F 11 -7.12 22.87 8.52
C GLU F 11 -7.57 21.42 8.37
N TYR F 12 -7.53 20.66 9.46
CA TYR F 12 -7.75 19.20 9.41
C TYR F 12 -9.00 18.76 10.15
N ARG F 13 -9.60 17.66 9.69
CA ARG F 13 -10.69 17.08 10.44
C ARG F 13 -10.11 16.11 11.47
N ASN F 14 -10.88 15.87 12.53
CA ASN F 14 -10.50 14.99 13.62
C ASN F 14 -9.24 15.42 14.37
N THR F 15 -9.05 16.74 14.52
CA THR F 15 -7.90 17.27 15.28
C THR F 15 -8.34 18.18 16.41
N GLN F 16 -7.47 18.32 17.41
CA GLN F 16 -7.63 19.36 18.42
C GLN F 16 -6.25 19.71 18.97
N ILE F 17 -6.16 20.88 19.60
CA ILE F 17 -4.95 21.32 20.28
C ILE F 17 -4.98 20.92 21.76
N TYR F 18 -3.92 20.28 22.22
CA TYR F 18 -3.64 20.14 23.66
C TYR F 18 -2.59 21.17 24.04
N THR F 19 -2.88 21.98 25.03
CA THR F 19 -1.88 22.88 25.56
C THR F 19 -1.17 22.15 26.69
N ILE F 20 0.07 21.79 26.44
CA ILE F 20 0.86 20.96 27.35
C ILE F 20 1.60 21.82 28.38
N ASN F 21 2.42 22.76 27.89
CA ASN F 21 3.25 23.60 28.75
C ASN F 21 4.02 22.77 29.78
N ASP F 22 4.70 21.72 29.29
CA ASP F 22 5.43 20.81 30.18
C ASP F 22 6.43 19.98 29.39
N LYS F 23 7.48 19.52 30.07
CA LYS F 23 8.39 18.54 29.47
C LYS F 23 7.74 17.17 29.42
N ILE F 24 8.25 16.29 28.57
CA ILE F 24 7.81 14.91 28.47
C ILE F 24 8.17 14.17 29.76
N LEU F 25 7.21 13.40 30.28
CA LEU F 25 7.45 12.55 31.44
C LEU F 25 8.10 11.21 31.06
N SER F 26 7.55 10.54 30.07
CA SER F 26 8.12 9.27 29.60
C SER F 26 8.17 9.19 28.08
N TYR F 27 9.20 8.50 27.59
CA TYR F 27 9.43 8.26 26.17
C TYR F 27 9.53 6.75 25.96
N THR F 28 8.73 6.21 25.03
CA THR F 28 8.73 4.77 24.71
C THR F 28 8.88 4.62 23.21
N GLU F 29 9.80 3.74 22.80
CA GLU F 29 10.11 3.56 21.37
C GLU F 29 10.12 2.06 21.09
N SER F 30 9.47 1.64 20.01
CA SER F 30 9.34 0.23 19.67
C SER F 30 9.81 -0.03 18.23
N MET F 31 10.56 -1.11 18.04
CA MET F 31 10.94 -1.58 16.70
C MET F 31 10.28 -2.91 16.41
N ALA F 32 9.30 -3.29 17.24
CA ALA F 32 8.59 -4.54 17.06
C ALA F 32 7.72 -4.45 15.80
N GLY F 33 7.67 -5.52 15.04
CA GLY F 33 6.93 -5.59 13.77
C GLY F 33 5.48 -5.16 13.91
N LYS F 34 5.08 -4.21 13.06
CA LYS F 34 3.71 -3.66 13.01
C LYS F 34 3.46 -2.69 14.14
N ARG F 35 4.45 -2.51 15.02
CA ARG F 35 4.34 -1.54 16.10
C ARG F 35 5.57 -0.62 16.13
N GLU F 36 6.05 -0.23 14.95
CA GLU F 36 7.19 0.68 14.87
C GLU F 36 6.75 2.12 15.13
N MET F 37 6.77 2.51 16.40
CA MET F 37 6.12 3.72 16.87
C MET F 37 6.80 4.28 18.12
N VAL F 38 6.38 5.50 18.48
CA VAL F 38 6.83 6.16 19.70
C VAL F 38 5.59 6.54 20.53
N ILE F 39 5.70 6.42 21.84
CA ILE F 39 4.65 6.83 22.75
C ILE F 39 5.26 7.78 23.76
N ILE F 40 4.62 8.92 23.98
CA ILE F 40 5.06 9.84 25.03
C ILE F 40 3.94 10.08 26.04
N THR F 41 4.29 10.32 27.28
CA THR F 41 3.29 10.66 28.31
C THR F 41 3.73 11.92 29.03
N PHE F 42 2.78 12.51 29.74
CA PHE F 42 3.00 13.71 30.54
C PHE F 42 2.46 13.45 31.93
N LYS F 43 2.97 14.19 32.90
CA LYS F 43 2.53 14.02 34.29
C LYS F 43 1.03 14.37 34.49
N SER F 44 0.45 15.09 33.52
CA SER F 44 -1.00 15.34 33.46
C SER F 44 -1.81 14.04 33.34
N GLY F 45 -1.14 12.98 32.90
CA GLY F 45 -1.81 11.71 32.61
C GLY F 45 -2.05 11.49 31.13
N GLU F 46 -1.78 12.50 30.30
CA GLU F 46 -2.04 12.35 28.86
C GLU F 46 -0.98 11.55 28.14
N THR F 47 -1.43 10.71 27.19
CA THR F 47 -0.57 9.83 26.40
C THR F 47 -0.81 10.11 24.92
N PHE F 48 0.27 10.19 24.14
CA PHE F 48 0.18 10.43 22.70
C PHE F 48 1.12 9.49 21.97
N GLN F 49 0.80 9.20 20.71
CA GLN F 49 1.66 8.39 19.85
C GLN F 49 2.06 9.11 18.57
N VAL F 50 3.19 8.70 17.99
CA VAL F 50 3.44 8.90 16.58
C VAL F 50 3.07 7.56 15.94
N GLU F 51 2.06 7.57 15.07
CA GLU F 51 1.53 6.33 14.48
C GLU F 51 2.56 5.58 13.65
N VAL F 52 2.36 4.26 13.56
CA VAL F 52 3.08 3.40 12.61
C VAL F 52 2.75 3.92 11.21
N PRO F 53 3.75 4.03 10.31
CA PRO F 53 3.44 4.49 8.95
C PRO F 53 2.46 3.53 8.25
N GLY F 54 1.45 4.09 7.59
CA GLY F 54 0.44 3.24 6.92
C GLY F 54 -0.21 3.95 5.75
N SER F 55 -1.34 3.40 5.28
CA SER F 55 -2.02 3.95 4.10
C SER F 55 -2.74 5.28 4.37
N GLN F 56 -2.88 5.67 5.64
CA GLN F 56 -3.43 6.98 6.02
C GLN F 56 -2.39 8.08 5.84
N HIS F 57 -1.18 7.69 5.43
CA HIS F 57 -0.07 8.63 5.21
C HIS F 57 0.28 8.68 3.73
N ILE F 58 0.51 9.90 3.21
CA ILE F 58 1.01 10.06 1.84
C ILE F 58 2.56 10.03 1.84
N ASP F 59 3.16 9.90 0.65
CA ASP F 59 4.62 9.79 0.53
C ASP F 59 5.40 10.93 1.21
N SER F 60 4.93 12.17 1.03
CA SER F 60 5.55 13.35 1.68
C SER F 60 5.56 13.28 3.21
N GLN F 61 4.68 12.48 3.79
CA GLN F 61 4.66 12.32 5.25
C GLN F 61 5.73 11.34 5.80
N LYS F 62 6.27 10.46 4.96
CA LYS F 62 7.25 9.46 5.43
C LYS F 62 8.46 10.07 6.17
N LYS F 63 9.13 11.04 5.55
CA LYS F 63 10.29 11.70 6.18
C LYS F 63 9.81 12.51 7.38
N ALA F 64 8.64 13.12 7.25
CA ALA F 64 8.07 13.91 8.37
C ALA F 64 7.74 13.06 9.61
N ILE F 65 7.24 11.85 9.41
CA ILE F 65 7.03 10.92 10.51
C ILE F 65 8.36 10.61 11.24
N GLU F 66 9.41 10.34 10.48
CA GLU F 66 10.72 10.04 11.06
C GLU F 66 11.29 11.26 11.78
N ARG F 67 11.11 12.45 11.22
CA ARG F 67 11.54 13.71 11.90
C ARG F 67 10.81 13.93 13.23
N MET F 68 9.48 13.74 13.23
CA MET F 68 8.70 13.89 14.47
C MET F 68 9.24 12.99 15.61
N LYS F 69 9.49 11.72 15.32
CA LYS F 69 10.11 10.81 16.32
C LYS F 69 11.51 11.29 16.77
N ASP F 70 12.31 11.79 15.83
CA ASP F 70 13.60 12.41 16.17
C ASP F 70 13.42 13.56 17.16
N THR F 71 12.47 14.44 16.84
CA THR F 71 12.15 15.61 17.67
C THR F 71 11.69 15.22 19.06
N LEU F 72 10.84 14.20 19.15
CA LEU F 72 10.34 13.78 20.46
C LEU F 72 11.46 13.23 21.37
N ARG F 73 12.35 12.42 20.80
CA ARG F 73 13.49 11.87 21.55
C ARG F 73 14.40 12.97 22.10
N ILE F 74 14.81 13.92 21.26
CA ILE F 74 15.72 14.97 21.71
C ILE F 74 15.02 15.94 22.68
N THR F 75 13.72 16.16 22.46
CA THR F 75 12.91 16.98 23.37
C THR F 75 12.87 16.33 24.77
N TYR F 76 12.63 15.02 24.78
CA TYR F 76 12.65 14.27 26.03
C TYR F 76 13.99 14.41 26.73
N LEU F 77 15.06 14.12 25.99
CA LEU F 77 16.43 14.08 26.55
C LEU F 77 16.89 15.43 27.09
N THR F 78 16.44 16.50 26.48
CA THR F 78 16.87 17.84 26.89
C THR F 78 15.90 18.47 27.90
N GLU F 79 14.84 17.74 28.25
CA GLU F 79 13.79 18.23 29.18
C GLU F 79 13.18 19.52 28.66
N THR F 80 13.06 19.61 27.34
CA THR F 80 12.51 20.79 26.68
C THR F 80 11.00 20.84 26.88
N LYS F 81 10.50 22.01 27.32
CA LYS F 81 9.07 22.22 27.52
C LYS F 81 8.33 22.24 26.17
N ILE F 82 7.33 21.37 26.02
CA ILE F 82 6.41 21.41 24.89
C ILE F 82 5.28 22.41 25.19
N ASP F 83 4.96 23.27 24.21
CA ASP F 83 3.89 24.25 24.33
C ASP F 83 2.59 23.57 23.97
N LYS F 84 2.38 23.32 22.67
CA LYS F 84 1.14 22.71 22.20
C LYS F 84 1.40 21.46 21.37
N LEU F 85 0.42 20.56 21.37
CA LEU F 85 0.36 19.47 20.41
C LEU F 85 -0.94 19.57 19.60
N CYS F 86 -0.83 19.44 18.29
CA CYS F 86 -2.00 19.23 17.44
C CYS F 86 -2.08 17.73 17.25
N VAL F 87 -3.21 17.13 17.63
CA VAL F 87 -3.35 15.66 17.59
C VAL F 87 -4.60 15.24 16.85
N TRP F 88 -4.54 14.08 16.19
CA TRP F 88 -5.77 13.46 15.68
C TRP F 88 -6.41 12.72 16.83
N ASN F 89 -7.68 13.04 17.10
CA ASN F 89 -8.40 12.45 18.22
C ASN F 89 -9.23 11.23 17.82
N ASN F 90 -9.10 10.77 16.57
CA ASN F 90 -9.78 9.54 16.13
C ASN F 90 -8.89 8.30 16.24
N LYS F 91 -7.85 8.43 17.06
CA LYS F 91 -6.90 7.36 17.35
C LYS F 91 -6.66 7.27 18.85
N THR F 92 -6.38 6.06 19.33
CA THR F 92 -6.01 5.81 20.73
C THR F 92 -4.64 5.10 20.83
N PRO F 93 -3.67 5.73 21.52
CA PRO F 93 -3.63 7.12 22.02
C PRO F 93 -3.80 8.14 20.88
N ASN F 94 -4.20 9.37 21.22
CA ASN F 94 -4.25 10.44 20.23
C ASN F 94 -2.93 10.54 19.45
N SER F 95 -3.05 10.83 18.16
CA SER F 95 -1.91 10.75 17.26
C SER F 95 -1.35 12.14 16.94
N ILE F 96 -0.04 12.32 17.12
CA ILE F 96 0.59 13.66 16.94
C ILE F 96 0.64 14.08 15.46
N ALA F 97 0.07 15.24 15.17
CA ALA F 97 0.17 15.87 13.83
C ALA F 97 1.21 16.98 13.80
N ALA F 98 1.28 17.75 14.89
CA ALA F 98 2.24 18.85 14.94
C ALA F 98 2.60 19.16 16.38
N ILE F 99 3.76 19.77 16.58
CA ILE F 99 4.27 20.09 17.92
C ILE F 99 4.77 21.53 17.94
N SER F 100 4.61 22.25 19.04
CA SER F 100 5.26 23.53 19.17
C SER F 100 5.96 23.63 20.53
N MET F 101 7.02 24.44 20.57
CA MET F 101 7.80 24.67 21.79
C MET F 101 8.17 26.13 21.80
N LYS F 102 8.06 26.75 22.98
CA LYS F 102 8.45 28.13 23.09
C LYS F 102 9.41 28.37 24.27
N ASN F 103 10.20 29.44 24.13
CA ASN F 103 11.32 29.71 24.97
C ASN F 103 11.23 31.18 25.41
N ALA G 1 31.80 31.06 -6.03
CA ALA G 1 30.62 30.94 -5.14
C ALA G 1 30.57 32.16 -4.23
N PRO G 2 29.37 32.47 -3.68
CA PRO G 2 29.23 33.59 -2.73
C PRO G 2 30.08 33.37 -1.47
N GLN G 3 30.49 34.47 -0.83
CA GLN G 3 31.33 34.39 0.36
C GLN G 3 30.55 34.79 1.61
N THR G 4 29.34 35.32 1.44
CA THR G 4 28.48 35.71 2.56
C THR G 4 27.02 35.46 2.20
N ILE G 5 26.19 35.40 3.24
CA ILE G 5 24.76 35.24 3.07
C ILE G 5 24.15 36.38 2.23
N THR G 6 24.64 37.62 2.41
CA THR G 6 24.13 38.78 1.65
C THR G 6 24.44 38.67 0.14
N GLU G 7 25.66 38.28 -0.20
CA GLU G 7 26.02 38.00 -1.60
C GLU G 7 25.15 36.89 -2.18
N LEU G 8 24.91 35.85 -1.41
CA LEU G 8 24.13 34.73 -1.88
C LEU G 8 22.68 35.19 -2.13
N CYS G 9 22.14 35.93 -1.17
CA CYS G 9 20.77 36.38 -1.22
C CYS G 9 20.51 37.24 -2.45
N SER G 10 21.48 38.09 -2.79
CA SER G 10 21.44 38.97 -3.97
C SER G 10 21.38 38.28 -5.33
N GLU G 11 21.64 36.97 -5.35
CA GLU G 11 21.60 36.20 -6.59
C GLU G 11 20.19 35.81 -7.01
N TYR G 12 19.21 36.02 -6.12
CA TYR G 12 17.86 35.50 -6.30
C TYR G 12 16.80 36.60 -6.38
N ARG G 13 15.77 36.38 -7.20
CA ARG G 13 14.60 37.25 -7.18
C ARG G 13 13.73 36.97 -5.95
N ASN G 14 12.98 37.98 -5.51
CA ASN G 14 11.99 37.82 -4.45
C ASN G 14 12.63 37.45 -3.12
N THR G 15 13.83 37.94 -2.85
CA THR G 15 14.48 37.70 -1.57
C THR G 15 14.83 39.00 -0.85
N GLN G 16 15.04 38.89 0.46
CA GLN G 16 15.61 39.96 1.25
C GLN G 16 16.26 39.37 2.49
N ILE G 17 17.19 40.14 3.07
CA ILE G 17 17.86 39.77 4.29
C ILE G 17 17.12 40.37 5.49
N TYR G 18 16.80 39.53 6.46
CA TYR G 18 16.40 39.99 7.79
C TYR G 18 17.59 39.82 8.72
N THR G 19 17.99 40.89 9.40
CA THR G 19 19.00 40.77 10.44
C THR G 19 18.27 40.48 11.75
N ILE G 20 18.50 39.27 12.26
CA ILE G 20 17.79 38.78 13.42
C ILE G 20 18.54 39.07 14.72
N ASN G 21 19.82 38.67 14.78
CA ASN G 21 20.64 38.88 15.97
C ASN G 21 19.89 38.44 17.24
N ASP G 22 19.32 37.24 17.23
CA ASP G 22 18.52 36.75 18.36
C ASP G 22 18.34 35.24 18.26
N LYS G 23 18.03 34.60 19.39
CA LYS G 23 17.66 33.18 19.36
C LYS G 23 16.21 33.02 18.91
N ILE G 24 15.86 31.80 18.49
CA ILE G 24 14.50 31.48 18.12
C ILE G 24 13.59 31.48 19.36
N LEU G 25 12.45 32.17 19.25
CA LEU G 25 11.45 32.18 20.31
C LEU G 25 10.58 30.93 20.34
N SER G 26 10.06 30.53 19.17
CA SER G 26 9.24 29.35 19.10
C SER G 26 9.58 28.51 17.86
N TYR G 27 9.44 27.20 18.04
CA TYR G 27 9.69 26.21 16.99
C TYR G 27 8.41 25.38 16.84
N THR G 28 7.90 25.27 15.62
CA THR G 28 6.72 24.45 15.31
C THR G 28 7.04 23.53 14.15
N GLU G 29 6.67 22.27 14.28
CA GLU G 29 6.97 21.26 13.29
C GLU G 29 5.69 20.45 13.03
N SER G 30 5.38 20.25 11.76
CA SER G 30 4.16 19.53 11.39
C SER G 30 4.47 18.35 10.47
N MET G 31 3.82 17.22 10.75
CA MET G 31 3.87 16.06 9.86
C MET G 31 2.52 15.81 9.22
N ALA G 32 1.63 16.80 9.33
CA ALA G 32 0.30 16.66 8.72
C ALA G 32 0.40 16.70 7.18
N GLY G 33 -0.37 15.87 6.51
CA GLY G 33 -0.34 15.79 5.04
C GLY G 33 -0.52 17.12 4.33
N LYS G 34 0.43 17.45 3.45
CA LYS G 34 0.44 18.69 2.65
C LYS G 34 0.90 19.89 3.46
N ARG G 35 1.19 19.67 4.73
CA ARG G 35 1.78 20.72 5.60
C ARG G 35 3.00 20.19 6.33
N GLU G 36 3.87 19.47 5.62
CA GLU G 36 5.08 18.92 6.23
C GLU G 36 6.13 20.03 6.26
N MET G 37 6.15 20.81 7.34
CA MET G 37 6.90 22.06 7.38
C MET G 37 7.34 22.43 8.80
N VAL G 38 8.21 23.44 8.86
CA VAL G 38 8.63 24.05 10.11
C VAL G 38 8.32 25.55 10.11
N ILE G 39 7.88 26.07 11.27
CA ILE G 39 7.65 27.50 11.39
C ILE G 39 8.43 27.93 12.60
N ILE G 40 9.15 29.04 12.49
CA ILE G 40 9.86 29.62 13.63
C ILE G 40 9.38 31.07 13.85
N THR G 41 9.44 31.53 15.10
CA THR G 41 9.13 32.93 15.37
C THR G 41 10.20 33.53 16.25
N PHE G 42 10.25 34.85 16.25
CA PHE G 42 11.16 35.61 17.08
C PHE G 42 10.38 36.60 17.92
N LYS G 43 10.97 37.03 19.05
CA LYS G 43 10.29 37.97 19.94
C LYS G 43 10.04 39.32 19.26
N SER G 44 10.73 39.57 18.15
CA SER G 44 10.48 40.74 17.29
C SER G 44 9.06 40.73 16.71
N GLY G 45 8.46 39.55 16.65
CA GLY G 45 7.16 39.35 16.04
C GLY G 45 7.23 38.69 14.67
N GLU G 46 8.44 38.53 14.14
CA GLU G 46 8.61 37.99 12.80
C GLU G 46 8.43 36.48 12.81
N THR G 47 7.83 35.94 11.74
CA THR G 47 7.54 34.52 11.58
C THR G 47 8.08 34.08 10.22
N PHE G 48 8.70 32.90 10.19
CA PHE G 48 9.30 32.35 8.97
C PHE G 48 8.98 30.85 8.86
N GLN G 49 8.94 30.35 7.64
CA GLN G 49 8.75 28.92 7.40
C GLN G 49 9.90 28.31 6.60
N VAL G 50 10.08 27.01 6.75
CA VAL G 50 10.66 26.19 5.69
C VAL G 50 9.48 25.56 4.94
N GLU G 51 9.40 25.84 3.63
CA GLU G 51 8.26 25.41 2.83
C GLU G 51 8.17 23.90 2.69
N VAL G 52 6.95 23.43 2.52
CA VAL G 52 6.67 22.06 2.13
C VAL G 52 7.36 21.86 0.77
N PRO G 53 8.07 20.73 0.59
CA PRO G 53 8.72 20.47 -0.71
C PRO G 53 7.69 20.45 -1.86
N GLY G 54 8.04 21.08 -2.97
CA GLY G 54 7.10 21.16 -4.10
C GLY G 54 7.79 21.36 -5.43
N SER G 55 7.01 21.73 -6.44
CA SER G 55 7.56 21.89 -7.80
C SER G 55 8.44 23.15 -7.96
N GLN G 56 8.39 24.07 -6.98
CA GLN G 56 9.31 25.22 -6.96
C GLN G 56 10.74 24.82 -6.53
N HIS G 57 10.91 23.55 -6.16
CA HIS G 57 12.19 23.02 -5.69
C HIS G 57 12.77 22.05 -6.70
N ILE G 58 14.06 22.16 -6.97
CA ILE G 58 14.75 21.19 -7.85
C ILE G 58 15.29 20.05 -6.99
N ASP G 59 15.68 18.94 -7.63
CA ASP G 59 16.12 17.73 -6.92
C ASP G 59 17.23 17.98 -5.89
N SER G 60 18.22 18.79 -6.25
CA SER G 60 19.33 19.15 -5.37
C SER G 60 18.90 19.87 -4.08
N GLN G 61 17.71 20.48 -4.09
CA GLN G 61 17.20 21.14 -2.87
C GLN G 61 16.55 20.20 -1.85
N LYS G 62 16.19 18.99 -2.26
CA LYS G 62 15.48 18.07 -1.36
C LYS G 62 16.25 17.80 -0.05
N LYS G 63 17.51 17.39 -0.17
CA LYS G 63 18.33 17.13 1.03
C LYS G 63 18.56 18.44 1.77
N ALA G 64 18.70 19.54 1.02
CA ALA G 64 18.97 20.87 1.64
C ALA G 64 17.78 21.36 2.48
N ILE G 65 16.56 21.10 1.99
CA ILE G 65 15.35 21.39 2.77
C ILE G 65 15.38 20.64 4.10
N GLU G 66 15.67 19.34 4.05
CA GLU G 66 15.73 18.51 5.27
C GLU G 66 16.83 19.00 6.24
N ARG G 67 17.99 19.36 5.69
CA ARG G 67 19.09 19.92 6.50
C ARG G 67 18.69 21.23 7.20
N MET G 68 18.01 22.12 6.46
CA MET G 68 17.56 23.41 7.02
C MET G 68 16.66 23.19 8.26
N LYS G 69 15.72 22.24 8.17
CA LYS G 69 14.83 21.91 9.30
C LYS G 69 15.60 21.29 10.46
N ASP G 70 16.57 20.43 10.14
CA ASP G 70 17.52 19.90 11.15
C ASP G 70 18.21 21.06 11.87
N THR G 71 18.70 22.03 11.10
CA THR G 71 19.44 23.18 11.64
C THR G 71 18.58 24.04 12.56
N LEU G 72 17.34 24.29 12.15
CA LEU G 72 16.46 25.15 12.94
C LEU G 72 16.11 24.52 14.29
N ARG G 73 15.92 23.19 14.30
CA ARG G 73 15.61 22.49 15.55
C ARG G 73 16.75 22.53 16.53
N ILE G 74 17.96 22.20 16.07
CA ILE G 74 19.10 22.24 17.00
C ILE G 74 19.44 23.67 17.43
N THR G 75 19.25 24.62 16.53
CA THR G 75 19.49 26.04 16.84
C THR G 75 18.51 26.48 17.94
N TYR G 76 17.25 26.08 17.80
CA TYR G 76 16.23 26.39 18.81
C TYR G 76 16.63 25.80 20.16
N LEU G 77 16.97 24.51 20.14
CA LEU G 77 17.24 23.77 21.37
C LEU G 77 18.47 24.27 22.11
N THR G 78 19.46 24.78 21.37
CA THR G 78 20.71 25.21 21.99
C THR G 78 20.67 26.72 22.30
N GLU G 79 19.56 27.36 21.98
CA GLU G 79 19.39 28.81 22.15
C GLU G 79 20.48 29.58 21.39
N THR G 80 20.86 29.07 20.22
CA THR G 80 21.89 29.67 19.41
C THR G 80 21.36 30.92 18.72
N LYS G 81 22.12 32.00 18.79
CA LYS G 81 21.75 33.28 18.19
C LYS G 81 21.87 33.20 16.68
N ILE G 82 20.77 33.50 15.98
CA ILE G 82 20.79 33.61 14.53
C ILE G 82 21.24 35.04 14.16
N ASP G 83 22.10 35.13 13.14
CA ASP G 83 22.59 36.42 12.68
C ASP G 83 21.60 36.93 11.63
N LYS G 84 21.65 36.36 10.43
CA LYS G 84 20.77 36.77 9.34
C LYS G 84 19.94 35.61 8.79
N LEU G 85 18.78 35.96 8.24
CA LEU G 85 18.05 35.05 7.35
C LEU G 85 17.90 35.68 5.96
N CYS G 86 18.19 34.91 4.93
CA CYS G 86 17.81 35.23 3.58
C CYS G 86 16.47 34.53 3.34
N VAL G 87 15.44 35.31 3.02
CA VAL G 87 14.09 34.76 2.85
C VAL G 87 13.49 35.15 1.50
N TRP G 88 12.63 34.28 0.97
CA TRP G 88 11.77 34.64 -0.14
C TRP G 88 10.54 35.34 0.43
N ASN G 89 10.32 36.58 -0.02
CA ASN G 89 9.24 37.41 0.48
C ASN G 89 7.96 37.30 -0.37
N ASN G 90 7.95 36.42 -1.37
CA ASN G 90 6.72 36.15 -2.13
C ASN G 90 5.89 35.00 -1.52
N LYS G 91 6.17 34.68 -0.25
CA LYS G 91 5.45 33.64 0.49
C LYS G 91 5.07 34.15 1.85
N THR G 92 3.98 33.62 2.40
CA THR G 92 3.52 33.95 3.77
C THR G 92 3.34 32.67 4.59
N PRO G 93 4.05 32.55 5.72
CA PRO G 93 5.16 33.40 6.20
C PRO G 93 6.31 33.42 5.19
N ASN G 94 7.20 34.42 5.29
CA ASN G 94 8.39 34.44 4.43
C ASN G 94 9.14 33.12 4.54
N SER G 95 9.73 32.69 3.43
CA SER G 95 10.30 31.35 3.32
C SER G 95 11.84 31.38 3.36
N ILE G 96 12.42 30.57 4.23
CA ILE G 96 13.86 30.62 4.47
C ILE G 96 14.67 29.98 3.32
N ALA G 97 15.58 30.78 2.77
CA ALA G 97 16.51 30.34 1.72
C ALA G 97 17.89 30.03 2.31
N ALA G 98 18.32 30.82 3.29
CA ALA G 98 19.63 30.64 3.93
C ALA G 98 19.60 31.22 5.33
N ILE G 99 20.51 30.70 6.16
CA ILE G 99 20.66 31.14 7.55
C ILE G 99 22.14 31.38 7.86
N SER G 100 22.44 32.39 8.67
CA SER G 100 23.80 32.54 9.21
C SER G 100 23.74 32.71 10.71
N MET G 101 24.80 32.28 11.37
CA MET G 101 24.95 32.41 12.81
C MET G 101 26.38 32.83 13.06
N LYS G 102 26.58 33.77 13.97
CA LYS G 102 27.95 34.15 14.32
C LYS G 102 28.21 34.17 15.82
N ASN G 103 29.48 33.96 16.15
CA ASN G 103 29.94 33.65 17.49
C ASN G 103 31.08 34.60 17.84
N ALA H 1 46.51 3.50 3.54
CA ALA H 1 45.78 4.81 3.59
C ALA H 1 46.63 5.85 4.34
N PRO H 2 46.37 7.15 4.11
CA PRO H 2 47.06 8.22 4.85
C PRO H 2 46.81 8.11 6.35
N GLN H 3 47.74 8.62 7.15
CA GLN H 3 47.63 8.56 8.61
C GLN H 3 47.38 9.93 9.22
N THR H 4 47.52 10.97 8.39
CA THR H 4 47.29 12.35 8.84
C THR H 4 46.63 13.14 7.73
N ILE H 5 46.05 14.29 8.10
CA ILE H 5 45.47 15.20 7.15
C ILE H 5 46.51 15.74 6.16
N THR H 6 47.74 15.99 6.63
CA THR H 6 48.79 16.49 5.73
C THR H 6 49.18 15.46 4.67
N GLU H 7 49.34 14.18 5.08
CA GLU H 7 49.55 13.09 4.13
C GLU H 7 48.43 13.01 3.09
N LEU H 8 47.20 12.99 3.57
CA LEU H 8 46.03 12.94 2.69
C LEU H 8 45.99 14.12 1.71
N CYS H 9 46.18 15.32 2.23
CA CYS H 9 46.17 16.52 1.41
C CYS H 9 47.19 16.47 0.27
N SER H 10 48.38 15.94 0.58
N SER H 10 48.38 15.95 0.56
CA SER H 10 49.50 15.82 -0.36
CA SER H 10 49.47 15.90 -0.41
C SER H 10 49.18 14.96 -1.58
C SER H 10 49.24 14.89 -1.55
N GLU H 11 48.19 14.08 -1.46
CA GLU H 11 47.82 13.16 -2.54
C GLU H 11 47.11 13.86 -3.73
N TYR H 12 46.67 15.10 -3.52
CA TYR H 12 45.79 15.81 -4.46
C TYR H 12 46.49 17.04 -5.05
N ARG H 13 46.23 17.33 -6.33
CA ARG H 13 46.65 18.60 -6.94
C ARG H 13 45.73 19.70 -6.42
N ASN H 14 46.18 20.95 -6.52
CA ASN H 14 45.36 22.14 -6.18
C ASN H 14 44.90 22.18 -4.73
N THR H 15 45.65 21.59 -3.82
CA THR H 15 45.30 21.63 -2.39
C THR H 15 46.37 22.32 -1.57
N GLN H 16 45.98 22.77 -0.39
CA GLN H 16 46.92 23.21 0.63
C GLN H 16 46.30 23.07 2.02
N ILE H 17 47.17 22.97 3.03
CA ILE H 17 46.73 22.93 4.42
C ILE H 17 46.70 24.35 5.00
N TYR H 18 45.57 24.70 5.61
CA TYR H 18 45.46 25.88 6.48
C TYR H 18 45.49 25.40 7.91
N THR H 19 46.40 25.94 8.72
CA THR H 19 46.42 25.66 10.15
C THR H 19 45.52 26.68 10.83
N ILE H 20 44.38 26.22 11.31
CA ILE H 20 43.34 27.10 11.83
C ILE H 20 43.55 27.34 13.32
N ASN H 21 43.64 26.26 14.09
CA ASN H 21 43.78 26.32 15.55
C ASN H 21 42.78 27.28 16.20
N ASP H 22 41.51 27.17 15.81
CA ASP H 22 40.47 28.08 16.29
C ASP H 22 39.08 27.52 16.03
N LYS H 23 38.10 28.01 16.79
CA LYS H 23 36.70 27.68 16.54
C LYS H 23 36.18 28.47 15.34
N ILE H 24 35.08 27.97 14.76
CA ILE H 24 34.38 28.68 13.68
C ILE H 24 33.78 29.99 14.21
N LEU H 25 34.01 31.08 13.49
CA LEU H 25 33.41 32.36 13.84
C LEU H 25 31.97 32.46 13.30
N SER H 26 31.74 32.09 12.05
CA SER H 26 30.39 32.11 11.49
C SER H 26 30.09 30.88 10.65
N TYR H 27 28.82 30.48 10.69
CA TYR H 27 28.32 29.34 9.94
C TYR H 27 27.16 29.84 9.06
N THR H 28 27.20 29.55 7.76
CA THR H 28 26.14 29.94 6.80
C THR H 28 25.74 28.73 6.00
N GLU H 29 24.43 28.54 5.87
CA GLU H 29 23.88 27.37 5.20
C GLU H 29 22.79 27.83 4.25
N SER H 30 22.82 27.32 3.02
CA SER H 30 21.86 27.74 2.01
C SER H 30 21.15 26.55 1.41
N MET H 31 19.84 26.68 1.23
CA MET H 31 19.05 25.67 0.51
C MET H 31 18.53 26.25 -0.79
N ALA H 32 19.04 27.42 -1.16
CA ALA H 32 18.67 28.07 -2.40
C ALA H 32 19.16 27.26 -3.61
N GLY H 33 18.32 27.15 -4.63
CA GLY H 33 18.61 26.34 -5.83
C GLY H 33 19.92 26.72 -6.51
N LYS H 34 20.77 25.70 -6.72
CA LYS H 34 22.13 25.84 -7.31
C LYS H 34 23.15 26.42 -6.35
N ARG H 35 22.70 26.76 -5.14
CA ARG H 35 23.61 27.21 -4.08
C ARG H 35 23.38 26.43 -2.79
N GLU H 36 23.19 25.12 -2.90
CA GLU H 36 22.99 24.26 -1.72
C GLU H 36 24.36 23.97 -1.10
N MET H 37 24.78 24.82 -0.18
CA MET H 37 26.17 24.84 0.30
C MET H 37 26.27 25.37 1.72
N VAL H 38 27.47 25.26 2.27
CA VAL H 38 27.78 25.81 3.59
C VAL H 38 29.03 26.69 3.45
N ILE H 39 29.04 27.82 4.17
CA ILE H 39 30.20 28.70 4.19
C ILE H 39 30.57 28.88 5.66
N ILE H 40 31.84 28.76 5.98
CA ILE H 40 32.32 29.07 7.34
C ILE H 40 33.40 30.14 7.27
N THR H 41 33.49 30.97 8.32
CA THR H 41 34.56 31.97 8.41
C THR H 41 35.22 31.87 9.77
N PHE H 42 36.44 32.40 9.84
CA PHE H 42 37.22 32.45 11.06
C PHE H 42 37.60 33.90 11.34
N LYS H 43 37.86 34.21 12.61
CA LYS H 43 38.26 35.56 12.98
C LYS H 43 39.57 36.01 12.31
N SER H 44 40.35 35.05 11.78
CA SER H 44 41.51 35.34 10.94
C SER H 44 41.15 36.12 9.67
N GLY H 45 39.88 36.03 9.26
CA GLY H 45 39.41 36.59 8.01
C GLY H 45 39.24 35.56 6.91
N GLU H 46 39.68 34.33 7.14
CA GLU H 46 39.56 33.29 6.11
C GLU H 46 38.12 32.80 5.99
N THR H 47 37.74 32.49 4.74
CA THR H 47 36.43 31.97 4.41
C THR H 47 36.60 30.68 3.60
N PHE H 48 35.78 29.67 3.91
CA PHE H 48 35.80 28.39 3.21
C PHE H 48 34.40 27.92 2.90
N GLN H 49 34.27 27.11 1.84
CA GLN H 49 33.00 26.50 1.51
C GLN H 49 33.04 24.98 1.49
N VAL H 50 31.88 24.35 1.72
CA VAL H 50 31.65 23.02 1.17
C VAL H 50 30.91 23.27 -0.14
N GLU H 51 31.51 22.84 -1.25
CA GLU H 51 30.91 23.09 -2.58
C GLU H 51 29.54 22.40 -2.75
N VAL H 52 28.73 22.99 -3.64
CA VAL H 52 27.51 22.41 -4.14
C VAL H 52 27.93 21.12 -4.87
N PRO H 53 27.21 20.01 -4.65
CA PRO H 53 27.55 18.78 -5.36
C PRO H 53 27.45 18.98 -6.88
N GLY H 54 28.46 18.51 -7.61
CA GLY H 54 28.48 18.67 -9.06
C GLY H 54 29.25 17.56 -9.76
N SER H 55 29.57 17.77 -11.05
CA SER H 55 30.29 16.76 -11.84
C SER H 55 31.78 16.59 -11.49
N GLN H 56 32.33 17.51 -10.68
CA GLN H 56 33.68 17.37 -10.11
C GLN H 56 33.72 16.37 -8.94
N HIS H 57 32.53 15.86 -8.55
CA HIS H 57 32.39 14.87 -7.49
C HIS H 57 32.02 13.49 -8.04
N ILE H 58 32.63 12.45 -7.49
CA ILE H 58 32.24 11.08 -7.83
C ILE H 58 31.14 10.60 -6.86
N ASP H 59 30.46 9.52 -7.20
CA ASP H 59 29.34 8.99 -6.40
C ASP H 59 29.70 8.76 -4.92
N SER H 60 30.89 8.23 -4.67
CA SER H 60 31.36 7.97 -3.29
C SER H 60 31.48 9.25 -2.47
N GLN H 61 31.62 10.39 -3.13
CA GLN H 61 31.71 11.67 -2.41
C GLN H 61 30.35 12.24 -1.95
N LYS H 62 29.24 11.75 -2.49
CA LYS H 62 27.92 12.34 -2.15
C LYS H 62 27.62 12.28 -0.63
N LYS H 63 27.72 11.10 -0.04
CA LYS H 63 27.46 10.99 1.42
C LYS H 63 28.52 11.76 2.23
N ALA H 64 29.76 11.78 1.72
CA ALA H 64 30.86 12.43 2.38
C ALA H 64 30.66 13.96 2.40
N ILE H 65 30.11 14.51 1.33
CA ILE H 65 29.77 15.96 1.28
C ILE H 65 28.73 16.32 2.35
N GLU H 66 27.69 15.48 2.46
CA GLU H 66 26.65 15.67 3.48
C GLU H 66 27.20 15.53 4.89
N ARG H 67 28.06 14.55 5.11
CA ARG H 67 28.75 14.37 6.43
C ARG H 67 29.58 15.61 6.79
N MET H 68 30.33 16.15 5.83
CA MET H 68 31.19 17.32 6.12
C MET H 68 30.35 18.51 6.59
N LYS H 69 29.22 18.76 5.92
CA LYS H 69 28.31 19.84 6.37
C LYS H 69 27.74 19.55 7.78
N ASP H 70 27.40 18.28 8.05
CA ASP H 70 26.97 17.87 9.39
C ASP H 70 28.08 18.20 10.39
N THR H 71 29.32 17.86 10.04
CA THR H 71 30.47 18.07 10.95
C THR H 71 30.71 19.56 11.22
N LEU H 72 30.63 20.38 10.19
CA LEU H 72 30.84 21.83 10.39
C LEU H 72 29.78 22.47 11.29
N ARG H 73 28.52 22.06 11.14
CA ARG H 73 27.42 22.61 11.98
C ARG H 73 27.63 22.27 13.44
N ILE H 74 27.83 20.98 13.74
CA ILE H 74 28.04 20.61 15.14
C ILE H 74 29.34 21.18 15.72
N THR H 75 30.37 21.30 14.88
CA THR H 75 31.66 21.90 15.32
C THR H 75 31.39 23.38 15.69
N TYR H 76 30.61 24.07 14.85
CA TYR H 76 30.26 25.46 15.11
C TYR H 76 29.50 25.57 16.44
N LEU H 77 28.46 24.75 16.60
CA LEU H 77 27.57 24.82 17.77
C LEU H 77 28.24 24.50 19.08
N THR H 78 29.23 23.61 19.03
CA THR H 78 29.93 23.19 20.24
C THR H 78 31.18 24.04 20.49
N GLU H 79 31.45 24.99 19.60
CA GLU H 79 32.65 25.86 19.71
C GLU H 79 33.93 25.02 19.73
N THR H 80 33.92 23.92 18.99
CA THR H 80 35.06 23.03 18.92
C THR H 80 36.17 23.65 18.07
N LYS H 81 37.41 23.58 18.58
CA LYS H 81 38.56 24.11 17.89
C LYS H 81 38.92 23.24 16.68
N ILE H 82 39.01 23.86 15.52
CA ILE H 82 39.51 23.16 14.33
C ILE H 82 41.05 23.26 14.31
N ASP H 83 41.72 22.15 14.00
CA ASP H 83 43.18 22.13 13.93
C ASP H 83 43.57 22.57 12.52
N LYS H 84 43.34 21.70 11.54
CA LYS H 84 43.69 22.00 10.16
C LYS H 84 42.52 21.82 9.21
N LEU H 85 42.60 22.53 8.08
CA LEU H 85 41.74 22.25 6.93
C LEU H 85 42.61 21.98 5.70
N CYS H 86 42.28 20.89 4.99
CA CYS H 86 42.84 20.65 3.68
C CYS H 86 41.81 21.23 2.71
N VAL H 87 42.25 22.16 1.87
CA VAL H 87 41.33 22.86 0.95
C VAL H 87 41.82 22.79 -0.48
N TRP H 88 40.88 22.76 -1.44
CA TRP H 88 41.20 23.01 -2.83
C TRP H 88 41.27 24.54 -3.00
N ASN H 89 42.41 25.03 -3.48
CA ASN H 89 42.62 26.46 -3.67
C ASN H 89 42.28 26.96 -5.08
N ASN H 90 41.73 26.09 -5.93
CA ASN H 90 41.29 26.52 -7.26
C ASN H 90 39.81 26.88 -7.31
N LYS H 91 39.26 27.21 -6.13
CA LYS H 91 37.87 27.65 -5.95
C LYS H 91 37.86 28.84 -5.02
N THR H 92 36.87 29.72 -5.20
CA THR H 92 36.62 30.87 -4.31
C THR H 92 35.19 30.83 -3.76
N PRO H 93 35.01 30.78 -2.42
CA PRO H 93 36.05 30.60 -1.39
C PRO H 93 36.72 29.24 -1.58
N ASN H 94 37.92 29.07 -1.00
CA ASN H 94 38.57 27.76 -1.00
C ASN H 94 37.61 26.68 -0.51
N SER H 95 37.71 25.50 -1.13
CA SER H 95 36.74 24.42 -0.92
C SER H 95 37.31 23.32 -0.01
N ILE H 96 36.57 22.96 1.04
CA ILE H 96 37.04 22.02 2.04
C ILE H 96 37.10 20.58 1.51
N ALA H 97 38.29 19.98 1.59
CA ALA H 97 38.49 18.55 1.27
C ALA H 97 38.53 17.68 2.53
N ALA H 98 39.11 18.21 3.60
CA ALA H 98 39.27 17.43 4.82
C ALA H 98 39.42 18.39 5.98
N ILE H 99 39.10 17.90 7.19
CA ILE H 99 39.16 18.70 8.43
C ILE H 99 39.79 17.83 9.53
N SER H 100 40.55 18.46 10.42
CA SER H 100 41.08 17.79 11.61
C SER H 100 40.85 18.65 12.83
N MET H 101 40.66 17.99 13.96
CA MET H 101 40.41 18.64 15.25
C MET H 101 41.21 17.86 16.25
N LYS H 102 41.89 18.57 17.17
CA LYS H 102 42.59 17.88 18.23
C LYS H 102 42.28 18.45 19.61
N ASN H 103 42.43 17.58 20.61
CA ASN H 103 41.93 17.82 21.94
C ASN H 103 43.08 17.52 22.91
N ALA I 1 24.42 -14.69 19.28
CA ALA I 1 25.31 -13.57 18.87
C ALA I 1 26.36 -13.36 19.99
N PRO I 2 27.48 -12.68 19.65
CA PRO I 2 28.49 -12.35 20.66
C PRO I 2 27.93 -11.47 21.80
N GLN I 3 28.51 -11.63 23.00
CA GLN I 3 28.06 -10.84 24.16
C GLN I 3 29.03 -9.74 24.55
N THR I 4 30.23 -9.80 23.98
CA THR I 4 31.26 -8.77 24.20
C THR I 4 32.02 -8.48 22.92
N ILE I 5 32.72 -7.36 22.90
CA ILE I 5 33.57 -6.98 21.78
C ILE I 5 34.68 -8.02 21.54
N THR I 6 35.21 -8.60 22.62
CA THR I 6 36.31 -9.58 22.49
C THR I 6 35.81 -10.87 21.85
N GLU I 7 34.65 -11.33 22.27
CA GLU I 7 33.97 -12.46 21.64
C GLU I 7 33.74 -12.23 20.14
N LEU I 8 33.25 -11.03 19.78
CA LEU I 8 32.97 -10.66 18.40
C LEU I 8 34.27 -10.63 17.60
N CYS I 9 35.28 -10.00 18.17
CA CYS I 9 36.56 -9.86 17.48
C CYS I 9 37.19 -11.22 17.13
N SER I 10 37.07 -12.17 18.07
CA SER I 10 37.54 -13.53 17.88
C SER I 10 36.88 -14.32 16.75
N GLU I 11 35.77 -13.82 16.20
CA GLU I 11 35.09 -14.49 15.08
C GLU I 11 35.75 -14.23 13.71
N TYR I 12 36.68 -13.28 13.67
CA TYR I 12 37.24 -12.79 12.40
C TYR I 12 38.73 -13.06 12.30
N ARG I 13 39.21 -13.28 11.06
CA ARG I 13 40.65 -13.34 10.80
C ARG I 13 41.24 -11.93 10.71
N ASN I 14 42.54 -11.83 10.98
CA ASN I 14 43.26 -10.58 10.82
C ASN I 14 42.73 -9.49 11.74
N THR I 15 42.26 -9.88 12.93
CA THR I 15 41.80 -8.88 13.91
C THR I 15 42.57 -8.99 15.22
N GLN I 16 42.53 -7.92 16.00
CA GLN I 16 43.00 -7.96 17.38
C GLN I 16 42.32 -6.83 18.16
N ILE I 17 42.32 -6.99 19.49
CA ILE I 17 41.76 -5.97 20.38
C ILE I 17 42.86 -5.02 20.84
N TYR I 18 42.62 -3.72 20.71
CA TYR I 18 43.39 -2.69 21.42
C TYR I 18 42.56 -2.22 22.59
N THR I 19 43.15 -2.24 23.79
CA THR I 19 42.49 -1.66 24.96
C THR I 19 42.97 -0.23 25.05
N ILE I 20 42.04 0.68 24.85
CA ILE I 20 42.34 2.10 24.72
C ILE I 20 42.22 2.79 26.09
N ASN I 21 41.06 2.65 26.71
CA ASN I 21 40.78 3.30 27.99
C ASN I 21 41.13 4.81 27.99
N ASP I 22 40.69 5.52 26.95
CA ASP I 22 41.05 6.93 26.79
C ASP I 22 40.13 7.59 25.78
N LYS I 23 40.00 8.92 25.86
CA LYS I 23 39.29 9.66 24.84
C LYS I 23 40.13 9.79 23.58
N ILE I 24 39.48 10.08 22.45
CA ILE I 24 40.14 10.36 21.18
C ILE I 24 40.99 11.66 21.31
N LEU I 25 42.26 11.60 20.89
CA LEU I 25 43.10 12.79 20.83
C LEU I 25 42.81 13.65 19.57
N SER I 26 42.75 13.03 18.40
CA SER I 26 42.44 13.81 17.20
C SER I 26 41.43 13.08 16.31
N TYR I 27 40.65 13.88 15.61
CA TYR I 27 39.65 13.38 14.67
C TYR I 27 39.90 14.02 13.30
N THR I 28 40.01 13.20 12.27
CA THR I 28 40.22 13.67 10.88
C THR I 28 39.16 13.06 9.98
N GLU I 29 38.56 13.89 9.15
CA GLU I 29 37.49 13.47 8.26
C GLU I 29 37.77 13.98 6.84
N SER I 30 37.66 13.11 5.85
CA SER I 30 37.95 13.53 4.49
C SER I 30 36.77 13.24 3.57
N MET I 31 36.47 14.20 2.69
CA MET I 31 35.51 14.00 1.60
C MET I 31 36.20 14.00 0.23
N ALA I 32 37.53 13.91 0.23
CA ALA I 32 38.29 13.85 -1.02
C ALA I 32 38.03 12.52 -1.75
N GLY I 33 37.90 12.60 -3.07
CA GLY I 33 37.58 11.42 -3.88
C GLY I 33 38.55 10.26 -3.67
N LYS I 34 38.00 9.10 -3.34
CA LYS I 34 38.76 7.84 -3.10
C LYS I 34 39.39 7.81 -1.72
N ARG I 35 39.18 8.88 -0.96
CA ARG I 35 39.66 8.94 0.41
C ARG I 35 38.54 9.41 1.35
N GLU I 36 37.33 8.89 1.14
CA GLU I 36 36.17 9.26 1.96
C GLU I 36 36.23 8.42 3.22
N MET I 37 36.85 8.95 4.25
CA MET I 37 37.27 8.16 5.41
C MET I 37 37.44 9.03 6.63
N VAL I 38 37.58 8.36 7.77
CA VAL I 38 37.86 9.01 9.07
C VAL I 38 39.13 8.39 9.65
N ILE I 39 39.96 9.22 10.28
CA ILE I 39 41.16 8.75 10.99
C ILE I 39 41.08 9.29 12.39
N ILE I 40 41.34 8.44 13.38
CA ILE I 40 41.43 8.91 14.77
C ILE I 40 42.81 8.55 15.34
N THR I 41 43.30 9.37 16.27
CA THR I 41 44.53 9.04 16.96
C THR I 41 44.29 9.17 18.47
N PHE I 42 45.20 8.56 19.23
CA PHE I 42 45.20 8.61 20.69
C PHE I 42 46.55 9.09 21.17
N LYS I 43 46.61 9.61 22.39
CA LYS I 43 47.86 10.13 22.94
C LYS I 43 48.91 9.02 23.15
N SER I 44 48.47 7.77 23.14
CA SER I 44 49.37 6.61 23.10
C SER I 44 50.27 6.59 21.85
N GLY I 45 49.84 7.29 20.80
CA GLY I 45 50.49 7.25 19.49
C GLY I 45 49.80 6.35 18.46
N GLU I 46 48.74 5.65 18.89
CA GLU I 46 48.02 4.74 17.97
C GLU I 46 47.06 5.51 17.04
N THR I 47 47.03 5.08 15.78
CA THR I 47 46.20 5.70 14.75
C THR I 47 45.31 4.61 14.15
N PHE I 48 44.03 4.93 13.93
CA PHE I 48 43.08 4.00 13.35
C PHE I 48 42.24 4.68 12.29
N GLN I 49 41.75 3.89 11.34
CA GLN I 49 40.86 4.40 10.30
C GLN I 49 39.51 3.68 10.25
N VAL I 50 38.50 4.38 9.74
CA VAL I 50 37.35 3.71 9.15
C VAL I 50 37.64 3.74 7.66
N GLU I 51 37.73 2.55 7.06
CA GLU I 51 38.12 2.43 5.66
C GLU I 51 37.09 3.07 4.72
N VAL I 52 37.58 3.50 3.56
CA VAL I 52 36.75 3.89 2.43
C VAL I 52 35.93 2.66 2.01
N PRO I 53 34.61 2.83 1.79
CA PRO I 53 33.79 1.67 1.36
C PRO I 53 34.35 1.06 0.07
N GLY I 54 34.41 -0.28 0.01
CA GLY I 54 34.98 -0.96 -1.14
C GLY I 54 34.46 -2.38 -1.25
N SER I 55 35.07 -3.15 -2.14
CA SER I 55 34.62 -4.52 -2.41
C SER I 55 34.89 -5.53 -1.27
N GLN I 56 35.67 -5.12 -0.27
CA GLN I 56 35.86 -5.92 0.95
C GLN I 56 34.65 -5.80 1.89
N HIS I 57 33.68 -4.96 1.50
CA HIS I 57 32.47 -4.73 2.32
C HIS I 57 31.25 -5.26 1.63
N ILE I 58 30.40 -5.95 2.39
CA ILE I 58 29.11 -6.42 1.87
C ILE I 58 28.05 -5.33 2.05
N ASP I 59 26.90 -5.47 1.37
CA ASP I 59 25.86 -4.44 1.39
C ASP I 59 25.38 -4.09 2.80
N SER I 60 25.25 -5.11 3.66
CA SER I 60 24.85 -4.86 5.07
C SER I 60 25.82 -3.97 5.86
N GLN I 61 27.06 -3.87 5.38
CA GLN I 61 28.03 -3.04 6.08
C GLN I 61 27.96 -1.54 5.72
N LYS I 62 27.25 -1.18 4.65
CA LYS I 62 27.28 0.22 4.17
C LYS I 62 26.72 1.18 5.22
N LYS I 63 25.54 0.87 5.77
CA LYS I 63 24.97 1.73 6.84
C LYS I 63 25.84 1.68 8.09
N ALA I 64 26.41 0.50 8.37
CA ALA I 64 27.25 0.32 9.55
C ALA I 64 28.55 1.15 9.51
N ILE I 65 29.13 1.28 8.31
CA ILE I 65 30.31 2.11 8.11
C ILE I 65 29.94 3.57 8.41
N GLU I 66 28.80 4.00 7.87
CA GLU I 66 28.36 5.38 8.11
C GLU I 66 28.05 5.62 9.60
N ARG I 67 27.44 4.64 10.26
CA ARG I 67 27.18 4.74 11.73
C ARG I 67 28.47 4.84 12.54
N MET I 68 29.48 4.04 12.16
CA MET I 68 30.77 4.03 12.88
C MET I 68 31.44 5.43 12.85
N LYS I 69 31.45 6.06 11.68
CA LYS I 69 31.97 7.43 11.54
C LYS I 69 31.13 8.43 12.38
N ASP I 70 29.81 8.27 12.37
CA ASP I 70 28.92 9.09 13.25
C ASP I 70 29.35 8.90 14.69
N THR I 71 29.59 7.65 15.09
CA THR I 71 29.95 7.34 16.49
C THR I 71 31.30 7.96 16.88
N LEU I 72 32.29 7.87 16.00
CA LEU I 72 33.61 8.44 16.30
C LEU I 72 33.56 9.96 16.45
N ARG I 73 32.79 10.63 15.59
CA ARG I 73 32.68 12.10 15.69
C ARG I 73 32.08 12.54 17.03
N ILE I 74 30.92 11.98 17.39
CA ILE I 74 30.29 12.39 18.65
C ILE I 74 31.09 11.93 19.87
N THR I 75 31.75 10.77 19.78
CA THR I 75 32.65 10.33 20.88
C THR I 75 33.80 11.34 21.07
N TYR I 76 34.35 11.79 19.95
CA TYR I 76 35.42 12.79 19.98
C TYR I 76 34.90 14.05 20.67
N LEU I 77 33.75 14.54 20.20
CA LEU I 77 33.22 15.84 20.63
C LEU I 77 32.81 15.86 22.09
N THR I 78 32.41 14.71 22.62
CA THR I 78 31.96 14.63 24.00
C THR I 78 33.09 14.18 24.94
N GLU I 79 34.28 13.95 24.37
CA GLU I 79 35.45 13.47 25.14
C GLU I 79 35.12 12.16 25.83
N THR I 80 34.35 11.31 25.16
CA THR I 80 33.93 10.06 25.75
C THR I 80 35.09 9.07 25.72
N LYS I 81 35.32 8.38 26.83
CA LYS I 81 36.38 7.39 26.93
C LYS I 81 36.01 6.14 26.12
N ILE I 82 36.90 5.75 25.21
CA ILE I 82 36.74 4.49 24.49
C ILE I 82 37.37 3.39 25.34
N ASP I 83 36.70 2.25 25.44
CA ASP I 83 37.23 1.11 26.18
C ASP I 83 38.13 0.31 25.23
N LYS I 84 37.53 -0.43 24.33
CA LYS I 84 38.30 -1.25 23.38
C LYS I 84 37.97 -0.92 21.92
N LEU I 85 38.94 -1.19 21.05
CA LEU I 85 38.68 -1.29 19.62
C LEU I 85 39.04 -2.70 19.09
N CYS I 86 38.16 -3.24 18.27
CA CYS I 86 38.47 -4.41 17.49
C CYS I 86 38.88 -3.92 16.10
N VAL I 87 40.11 -4.23 15.70
CA VAL I 87 40.65 -3.70 14.44
C VAL I 87 41.16 -4.81 13.54
N TRP I 88 41.07 -4.59 12.23
CA TRP I 88 41.75 -5.44 11.28
C TRP I 88 43.18 -4.94 11.18
N ASN I 89 44.14 -5.85 11.38
CA ASN I 89 45.54 -5.47 11.42
C ASN I 89 46.26 -5.72 10.08
N ASN I 90 45.50 -6.09 9.05
CA ASN I 90 46.08 -6.23 7.71
C ASN I 90 45.89 -4.97 6.89
N LYS I 91 45.71 -3.84 7.57
CA LYS I 91 45.54 -2.52 6.93
C LYS I 91 46.38 -1.52 7.70
N THR I 92 46.89 -0.49 7.00
CA THR I 92 47.57 0.63 7.64
C THR I 92 46.89 1.95 7.28
N PRO I 93 46.46 2.75 8.29
CA PRO I 93 46.35 2.43 9.73
C PRO I 93 45.41 1.23 9.93
N ASN I 94 45.52 0.56 11.08
CA ASN I 94 44.59 -0.53 11.42
C ASN I 94 43.14 -0.04 11.27
N SER I 95 42.27 -0.94 10.83
CA SER I 95 40.92 -0.56 10.40
C SER I 95 39.90 -1.00 11.45
N ILE I 96 39.04 -0.07 11.86
CA ILE I 96 38.10 -0.35 12.95
C ILE I 96 36.94 -1.24 12.52
N ALA I 97 36.79 -2.36 13.24
CA ALA I 97 35.66 -3.29 13.08
C ALA I 97 34.59 -3.07 14.12
N ALA I 98 35.00 -2.77 15.36
CA ALA I 98 34.04 -2.59 16.43
C ALA I 98 34.63 -1.68 17.48
N ILE I 99 33.77 -1.05 18.26
CA ILE I 99 34.18 -0.13 19.32
C ILE I 99 33.33 -0.42 20.55
N SER I 100 33.94 -0.28 21.74
CA SER I 100 33.18 -0.33 22.97
C SER I 100 33.55 0.87 23.84
N MET I 101 32.62 1.30 24.68
CA MET I 101 32.83 2.37 25.64
C MET I 101 32.16 1.95 26.93
N LYS I 102 32.79 2.23 28.06
CA LYS I 102 32.15 1.91 29.32
C LYS I 102 32.16 3.06 30.33
N ASN I 103 31.15 3.03 31.20
CA ASN I 103 30.82 4.14 32.08
C ASN I 103 30.76 3.64 33.53
N ALA J 1 -3.87 1.50 19.49
CA ALA J 1 -2.45 1.12 19.67
C ALA J 1 -2.15 0.98 21.16
N PRO J 2 -1.07 0.26 21.52
CA PRO J 2 -0.68 0.16 22.94
C PRO J 2 -0.36 1.54 23.56
N GLN J 3 -0.57 1.66 24.87
CA GLN J 3 -0.34 2.92 25.57
C GLN J 3 0.90 2.87 26.46
N THR J 4 1.41 1.66 26.69
CA THR J 4 2.61 1.44 27.49
C THR J 4 3.48 0.36 26.87
N ILE J 5 4.73 0.31 27.30
CA ILE J 5 5.67 -0.71 26.86
C ILE J 5 5.22 -2.11 27.26
N THR J 6 4.62 -2.25 28.44
CA THR J 6 4.13 -3.55 28.91
C THR J 6 2.97 -4.06 28.04
N GLU J 7 2.03 -3.16 27.71
CA GLU J 7 0.94 -3.47 26.78
C GLU J 7 1.47 -3.91 25.41
N LEU J 8 2.44 -3.16 24.89
CA LEU J 8 3.07 -3.50 23.61
C LEU J 8 3.75 -4.86 23.67
N CYS J 9 4.53 -5.08 24.73
CA CYS J 9 5.28 -6.32 24.90
C CYS J 9 4.39 -7.57 24.91
N SER J 10 3.24 -7.48 25.61
CA SER J 10 2.24 -8.56 25.65
C SER J 10 1.68 -8.99 24.31
N GLU J 11 1.84 -8.16 23.28
CA GLU J 11 1.28 -8.49 21.97
C GLU J 11 2.12 -9.54 21.22
N TYR J 12 3.32 -9.84 21.73
CA TYR J 12 4.30 -10.67 21.01
C TYR J 12 4.64 -11.96 21.76
N ARG J 13 4.96 -13.01 21.00
CA ARG J 13 5.49 -14.23 21.59
C ARG J 13 6.98 -14.07 21.88
N ASN J 14 7.47 -14.88 22.80
CA ASN J 14 8.88 -14.91 23.14
C ASN J 14 9.41 -13.57 23.65
N THR J 15 8.58 -12.80 24.35
CA THR J 15 9.03 -11.53 24.93
C THR J 15 8.91 -11.52 26.45
N GLN J 16 9.65 -10.62 27.09
CA GLN J 16 9.42 -10.27 28.49
C GLN J 16 9.92 -8.84 28.76
N ILE J 17 9.43 -8.26 29.85
CA ILE J 17 9.88 -6.95 30.29
C ILE J 17 10.98 -7.10 31.32
N TYR J 18 12.10 -6.41 31.08
CA TYR J 18 13.13 -6.20 32.10
C TYR J 18 12.98 -4.80 32.67
N THR J 19 12.86 -4.69 33.99
CA THR J 19 12.85 -3.38 34.64
C THR J 19 14.29 -3.03 34.97
N ILE J 20 14.80 -2.04 34.26
CA ILE J 20 16.22 -1.72 34.32
C ILE J 20 16.46 -0.67 35.38
N ASN J 21 15.76 0.44 35.28
CA ASN J 21 15.89 1.59 36.20
C ASN J 21 17.37 1.93 36.41
N ASP J 22 18.10 2.10 35.31
CA ASP J 22 19.54 2.40 35.39
C ASP J 22 20.03 2.91 34.05
N LYS J 23 21.14 3.65 34.09
CA LYS J 23 21.86 4.00 32.87
C LYS J 23 22.62 2.79 32.31
N ILE J 24 22.92 2.84 31.01
CA ILE J 24 23.75 1.83 30.34
C ILE J 24 25.20 1.87 30.90
N LEU J 25 25.74 0.69 31.19
CA LEU J 25 27.10 0.59 31.70
C LEU J 25 28.10 0.61 30.54
N SER J 26 27.86 -0.23 29.52
CA SER J 26 28.71 -0.27 28.34
C SER J 26 27.90 -0.29 27.04
N TYR J 27 28.51 0.30 26.00
CA TYR J 27 27.94 0.39 24.67
C TYR J 27 28.97 -0.19 23.69
N THR J 28 28.54 -1.15 22.87
CA THR J 28 29.41 -1.81 21.89
C THR J 28 28.73 -1.77 20.53
N GLU J 29 29.48 -1.34 19.52
CA GLU J 29 28.96 -1.20 18.18
C GLU J 29 29.93 -1.86 17.19
N SER J 30 29.38 -2.65 16.27
CA SER J 30 30.18 -3.40 15.32
C SER J 30 29.74 -3.13 13.90
N MET J 31 30.70 -2.93 13.01
CA MET J 31 30.43 -2.81 11.57
C MET J 31 31.03 -4.01 10.82
N ALA J 32 31.40 -5.05 11.57
CA ALA J 32 32.01 -6.23 10.99
C ALA J 32 30.93 -7.02 10.22
N GLY J 33 31.29 -7.57 9.05
CA GLY J 33 30.35 -8.28 8.18
C GLY J 33 29.59 -9.39 8.88
N LYS J 34 28.26 -9.33 8.81
CA LYS J 34 27.34 -10.30 9.40
C LYS J 34 27.18 -10.12 10.90
N ARG J 35 27.89 -9.15 11.47
CA ARG J 35 27.72 -8.76 12.86
C ARG J 35 27.50 -7.25 13.02
N GLU J 36 26.72 -6.67 12.12
CA GLU J 36 26.42 -5.24 12.17
C GLU J 36 25.33 -5.00 13.24
N MET J 37 25.76 -4.73 14.48
CA MET J 37 24.88 -4.80 15.65
C MET J 37 25.40 -3.92 16.76
N VAL J 38 24.56 -3.75 17.77
CA VAL J 38 24.91 -3.05 18.98
C VAL J 38 24.65 -3.97 20.17
N ILE J 39 25.53 -3.89 21.18
CA ILE J 39 25.33 -4.65 22.41
C ILE J 39 25.44 -3.64 23.53
N ILE J 40 24.52 -3.72 24.50
CA ILE J 40 24.62 -2.89 25.73
C ILE J 40 24.64 -3.79 26.96
N THR J 41 25.29 -3.34 28.02
CA THR J 41 25.29 -4.07 29.29
C THR J 41 24.92 -3.09 30.38
N PHE J 42 24.52 -3.65 31.51
CA PHE J 42 24.19 -2.92 32.72
C PHE J 42 25.01 -3.48 33.88
N LYS J 43 25.18 -2.67 34.92
CA LYS J 43 25.93 -3.11 36.10
C LYS J 43 25.26 -4.29 36.81
N SER J 44 23.97 -4.52 36.54
CA SER J 44 23.25 -5.71 37.01
C SER J 44 23.87 -7.01 36.48
N GLY J 45 24.65 -6.91 35.40
CA GLY J 45 25.15 -8.07 34.67
C GLY J 45 24.39 -8.44 33.40
N GLU J 46 23.25 -7.83 33.16
CA GLU J 46 22.45 -8.19 31.99
C GLU J 46 23.02 -7.56 30.72
N THR J 47 22.92 -8.32 29.64
CA THR J 47 23.43 -7.94 28.34
C THR J 47 22.29 -8.08 27.31
N PHE J 48 22.20 -7.10 26.40
CA PHE J 48 21.15 -7.07 25.37
C PHE J 48 21.73 -6.63 24.03
N GLN J 49 21.11 -7.09 22.95
CA GLN J 49 21.53 -6.71 21.62
C GLN J 49 20.41 -6.05 20.84
N VAL J 50 20.80 -5.24 19.86
CA VAL J 50 19.92 -4.96 18.73
C VAL J 50 20.42 -5.88 17.63
N GLU J 51 19.55 -6.79 17.18
CA GLU J 51 19.96 -7.83 16.22
C GLU J 51 20.42 -7.28 14.87
N VAL J 52 21.26 -8.06 14.19
CA VAL J 52 21.64 -7.81 12.81
C VAL J 52 20.35 -7.93 11.99
N PRO J 53 20.12 -7.00 11.04
CA PRO J 53 18.89 -7.12 10.23
C PRO J 53 18.86 -8.45 9.48
N GLY J 54 17.71 -9.12 9.48
CA GLY J 54 17.58 -10.42 8.84
C GLY J 54 16.17 -10.72 8.37
N SER J 55 15.93 -11.97 7.97
CA SER J 55 14.60 -12.36 7.46
C SER J 55 13.50 -12.43 8.53
N GLN J 56 13.88 -12.38 9.81
CA GLN J 56 12.92 -12.26 10.91
C GLN J 56 12.34 -10.84 11.03
N HIS J 57 12.85 -9.92 10.21
CA HIS J 57 12.43 -8.51 10.18
C HIS J 57 11.67 -8.19 8.90
N ILE J 58 10.56 -7.47 9.03
CA ILE J 58 9.81 -6.97 7.87
C ILE J 58 10.35 -5.61 7.45
N ASP J 59 9.99 -5.15 6.25
CA ASP J 59 10.54 -3.92 5.69
C ASP J 59 10.34 -2.71 6.61
N SER J 60 9.17 -2.61 7.23
CA SER J 60 8.87 -1.48 8.16
C SER J 60 9.80 -1.45 9.38
N GLN J 61 10.44 -2.58 9.68
CA GLN J 61 11.38 -2.60 10.83
C GLN J 61 12.77 -2.06 10.50
N LYS J 62 13.12 -1.94 9.22
CA LYS J 62 14.49 -1.53 8.85
C LYS J 62 14.87 -0.16 9.45
N LYS J 63 14.04 0.85 9.23
CA LYS J 63 14.33 2.18 9.78
C LYS J 63 14.25 2.14 11.31
N ALA J 64 13.37 1.29 11.83
CA ALA J 64 13.16 1.20 13.28
C ALA J 64 14.39 0.58 13.99
N ILE J 65 14.99 -0.41 13.34
CA ILE J 65 16.24 -1.01 13.84
C ILE J 65 17.35 0.07 13.90
N GLU J 66 17.53 0.83 12.83
CA GLU J 66 18.52 1.92 12.81
C GLU J 66 18.23 2.98 13.87
N ARG J 67 16.96 3.35 14.05
CA ARG J 67 16.54 4.29 15.13
C ARG J 67 16.91 3.79 16.53
N MET J 68 16.61 2.51 16.79
CA MET J 68 16.88 1.92 18.12
C MET J 68 18.38 2.02 18.47
N LYS J 69 19.26 1.70 17.50
CA LYS J 69 20.71 1.86 17.71
C LYS J 69 21.09 3.33 17.96
N ASP J 70 20.48 4.25 17.20
CA ASP J 70 20.65 5.71 17.44
C ASP J 70 20.28 6.04 18.89
N THR J 71 19.14 5.52 19.35
CA THR J 71 18.62 5.80 20.67
C THR J 71 19.55 5.27 21.76
N LEU J 72 20.02 4.03 21.58
CA LEU J 72 20.92 3.45 22.58
C LEU J 72 22.24 4.25 22.75
N ARG J 73 22.82 4.71 21.62
CA ARG J 73 24.07 5.50 21.67
C ARG J 73 23.87 6.81 22.42
N ILE J 74 22.85 7.59 22.03
CA ILE J 74 22.63 8.87 22.74
C ILE J 74 22.23 8.66 24.20
N THR J 75 21.49 7.59 24.46
CA THR J 75 21.09 7.26 25.84
C THR J 75 22.35 6.94 26.67
N TYR J 76 23.26 6.17 26.07
CA TYR J 76 24.53 5.87 26.75
C TYR J 76 25.30 7.17 27.03
N LEU J 77 25.46 8.00 26.01
CA LEU J 77 26.30 9.19 26.07
C LEU J 77 25.78 10.22 27.06
N THR J 78 24.47 10.25 27.22
CA THR J 78 23.84 11.24 28.11
C THR J 78 23.62 10.68 29.52
N GLU J 79 23.99 9.41 29.72
CA GLU J 79 23.81 8.73 31.01
C GLU J 79 22.32 8.74 31.40
N THR J 80 21.46 8.66 30.40
CA THR J 80 20.01 8.64 30.63
C THR J 80 19.58 7.30 31.21
N LYS J 81 18.78 7.37 32.28
CA LYS J 81 18.27 6.19 32.95
C LYS J 81 17.20 5.52 32.08
N ILE J 82 17.41 4.25 31.74
CA ILE J 82 16.40 3.45 31.09
C ILE J 82 15.43 2.90 32.13
N ASP J 83 14.13 2.97 31.82
CA ASP J 83 13.09 2.42 32.70
C ASP J 83 12.95 0.92 32.44
N LYS J 84 12.33 0.56 31.31
CA LYS J 84 12.11 -0.84 30.94
C LYS J 84 12.66 -1.17 29.57
N LEU J 85 12.95 -2.46 29.39
CA LEU J 85 13.17 -3.00 28.05
C LEU J 85 12.21 -4.13 27.79
N CYS J 86 11.60 -4.12 26.60
CA CYS J 86 10.86 -5.27 26.11
C CYS J 86 11.82 -6.03 25.19
N VAL J 87 12.07 -7.31 25.49
CA VAL J 87 13.08 -8.08 24.78
C VAL J 87 12.53 -9.40 24.27
N TRP J 88 13.05 -9.87 23.14
CA TRP J 88 12.80 -11.26 22.74
C TRP J 88 13.79 -12.14 23.48
N ASN J 89 13.28 -13.12 24.22
CA ASN J 89 14.11 -14.00 25.04
C ASN J 89 14.50 -15.31 24.30
N ASN J 90 14.16 -15.41 23.02
CA ASN J 90 14.56 -16.57 22.21
C ASN J 90 15.86 -16.30 21.46
N LYS J 91 16.61 -15.29 21.92
CA LYS J 91 17.89 -14.89 21.37
C LYS J 91 18.90 -14.67 22.50
N THR J 92 20.17 -14.92 22.20
CA THR J 92 21.28 -14.66 23.14
C THR J 92 22.34 -13.76 22.49
N PRO J 93 22.62 -12.59 23.09
CA PRO J 93 21.91 -11.96 24.22
C PRO J 93 20.44 -11.70 23.84
N ASN J 94 19.57 -11.51 24.85
CA ASN J 94 18.19 -11.11 24.59
C ASN J 94 18.11 -9.88 23.67
N SER J 95 17.09 -9.87 22.80
CA SER J 95 17.05 -8.93 21.69
C SER J 95 16.03 -7.82 21.96
N ILE J 96 16.46 -6.57 21.85
CA ILE J 96 15.60 -5.45 22.19
C ILE J 96 14.48 -5.20 21.17
N ALA J 97 13.23 -5.19 21.66
CA ALA J 97 12.05 -4.86 20.88
C ALA J 97 11.56 -3.43 21.15
N ALA J 98 11.66 -3.00 22.40
CA ALA J 98 11.22 -1.67 22.77
C ALA J 98 11.97 -1.20 24.00
N ILE J 99 12.01 0.12 24.17
CA ILE J 99 12.68 0.74 25.28
C ILE J 99 11.78 1.83 25.85
N SER J 100 11.79 2.00 27.17
CA SER J 100 11.16 3.16 27.78
C SER J 100 12.09 3.86 28.75
N MET J 101 11.87 5.16 28.93
CA MET J 101 12.68 5.98 29.83
C MET J 101 11.73 6.94 30.48
N LYS J 102 11.89 7.15 31.78
CA LYS J 102 11.06 8.14 32.45
C LYS J 102 11.88 9.12 33.28
N ASN J 103 11.29 10.29 33.48
CA ASN J 103 11.98 11.44 34.01
C ASN J 103 11.12 12.00 35.12
C1 NAG K . -50.74 -15.41 -23.83
C2 NAG K . -49.34 -14.87 -23.50
C3 NAG K . -48.87 -15.34 -22.11
C4 NAG K . -49.98 -15.18 -21.05
C5 NAG K . -51.36 -15.60 -21.58
C6 NAG K . -52.49 -15.28 -20.58
C7 NAG K . -48.10 -14.37 -25.59
C8 NAG K . -47.21 -14.94 -26.66
N2 NAG K . -48.44 -15.23 -24.60
O1 NAG K . -51.19 -14.93 -25.08
O3 NAG K . -47.73 -14.62 -21.72
O4 NAG K . -49.73 -16.02 -19.95
O5 NAG K . -51.63 -14.99 -22.83
O6 NAG K . -52.64 -13.87 -20.43
O7 NAG K . -48.43 -13.17 -25.65
C1 GAL K . -49.06 -15.36 -18.86
C2 GAL K . -49.56 -16.03 -17.58
C3 GAL K . -48.79 -15.51 -16.35
C4 GAL K . -47.28 -15.50 -16.62
C5 GAL K . -46.92 -14.87 -17.96
C6 GAL K . -45.43 -14.99 -18.30
O2 GAL K . -50.94 -15.81 -17.45
O3 GAL K . -49.06 -16.26 -15.18
O4 GAL K . -46.82 -16.84 -16.57
O5 GAL K . -47.66 -15.50 -18.97
O6 GAL K . -45.16 -14.54 -19.62
C1 GAL L . -29.81 4.03 -43.11
C2 GAL L . -29.67 3.22 -41.82
C3 GAL L . -29.87 4.06 -40.55
C4 GAL L . -29.17 5.42 -40.60
C5 GAL L . -29.28 6.09 -41.98
C6 GAL L . -28.36 7.31 -42.00
O2 GAL L . -30.56 2.13 -41.76
O3 GAL L . -29.36 3.34 -39.43
O4 GAL L . -27.81 5.31 -40.20
O5 GAL L . -28.97 5.18 -43.03
O6 GAL L . -28.85 8.28 -42.91
C1 NAG L . -30.30 3.29 -38.32
C2 NAG L . -29.77 2.33 -37.24
C3 NAG L . -30.56 2.41 -35.91
C4 NAG L . -30.97 3.84 -35.54
C5 NAG L . -31.54 4.56 -36.78
C6 NAG L . -32.01 6.00 -36.54
C7 NAG L . -28.65 0.46 -38.35
C8 NAG L . -28.78 -0.95 -38.89
N2 NAG L . -29.76 0.98 -37.80
O3 NAG L . -29.73 1.94 -34.87
O4 NAG L . -31.94 3.80 -34.52
O5 NAG L . -30.55 4.57 -37.79
O6 NAG L . -30.90 6.80 -36.22
O7 NAG L . -27.57 1.07 -38.42
C1 GAL L . -31.44 4.13 -33.22
C2 GAL L . -32.62 4.76 -32.43
C3 GAL L . -32.25 5.03 -30.97
C4 GAL L . -31.72 3.72 -30.36
C5 GAL L . -30.63 3.09 -31.22
C6 GAL L . -30.15 1.74 -30.64
O2 GAL L . -33.11 5.92 -33.10
O3 GAL L . -33.36 5.54 -30.24
O4 GAL L . -32.76 2.79 -30.12
O5 GAL L . -31.06 2.92 -32.56
O6 GAL L . -29.14 1.16 -31.44
C1 NAG M . -2.84 -10.43 -37.90
C2 NAG M . -3.66 -10.87 -36.67
C3 NAG M . -4.11 -9.64 -35.87
C4 NAG M . -3.04 -8.57 -35.71
C5 NAG M . -2.42 -8.29 -37.08
C6 NAG M . -1.40 -7.14 -37.11
C7 NAG M . -4.75 -13.05 -37.06
C8 NAG M . -5.94 -13.77 -37.65
N2 NAG M . -4.76 -11.71 -37.15
O1 NAG M . -2.25 -11.56 -38.54
O3 NAG M . -4.53 -10.07 -34.59
O4 NAG M . -3.68 -7.36 -35.42
O5 NAG M . -1.84 -9.49 -37.56
O6 NAG M . -0.18 -7.56 -36.56
O7 NAG M . -3.86 -13.71 -36.52
C1 GAL M . -3.76 -6.98 -34.03
C2 GAL M . -3.79 -5.45 -34.04
C3 GAL M . -3.87 -4.94 -32.61
C4 GAL M . -5.06 -5.56 -31.87
C5 GAL M . -5.06 -7.08 -32.03
C6 GAL M . -6.28 -7.76 -31.40
O2 GAL M . -2.61 -4.96 -34.63
O3 GAL M . -3.92 -3.52 -32.61
O4 GAL M . -6.28 -5.00 -32.32
O5 GAL M . -4.92 -7.48 -33.38
O6 GAL M . -6.14 -9.17 -31.60
C1 NAG N . -6.55 -37.94 -23.88
C2 NAG N . -7.44 -36.85 -23.26
C3 NAG N . -6.71 -35.62 -22.71
C4 NAG N . -5.32 -35.87 -22.10
C5 NAG N . -4.62 -36.83 -23.06
C6 NAG N . -3.19 -37.12 -22.63
C7 NAG N . -9.62 -36.88 -24.32
C8 NAG N . -10.49 -36.36 -25.42
N2 NAG N . -8.37 -36.39 -24.26
O3 NAG N . -7.59 -35.06 -21.77
O4 NAG N . -4.54 -34.67 -22.14
O5 NAG N . -5.36 -38.05 -23.13
O6 NAG N . -3.22 -37.70 -21.34
O7 NAG N . -10.03 -37.74 -23.52
C1 GAL N . -4.59 -33.80 -20.98
C2 GAL N . -3.23 -33.08 -20.83
C3 GAL N . -3.23 -32.13 -19.66
C4 GAL N . -4.43 -31.19 -19.73
C5 GAL N . -5.72 -31.97 -20.00
C6 GAL N . -6.93 -31.03 -20.15
O2 GAL N . -2.16 -33.97 -20.64
O3 GAL N . -2.00 -31.42 -19.63
O4 GAL N . -4.18 -30.21 -20.72
O5 GAL N . -5.60 -32.81 -21.13
O6 GAL N . -8.12 -31.80 -20.26
C1 NAG O . -36.23 -40.39 -14.63
C2 NAG O . -35.68 -38.94 -14.63
C3 NAG O . -34.31 -38.80 -13.93
C4 NAG O . -34.21 -39.68 -12.67
C5 NAG O . -34.78 -41.07 -12.96
C6 NAG O . -34.65 -42.12 -11.84
C7 NAG O . -36.69 -37.83 -16.55
C8 NAG O . -36.54 -37.49 -18.01
N2 NAG O . -35.66 -38.53 -16.02
O1 NAG O . -37.58 -40.44 -15.09
O3 NAG O . -34.12 -37.47 -13.53
O4 NAG O . -32.86 -39.83 -12.25
O5 NAG O . -36.14 -40.91 -13.31
O6 NAG O . -35.25 -41.67 -10.65
O7 NAG O . -37.69 -37.48 -15.90
C1 GAL O . -32.45 -38.87 -11.26
C2 GAL O . -31.33 -39.51 -10.44
C3 GAL O . -30.80 -38.55 -9.38
C4 GAL O . -30.39 -37.25 -10.06
C5 GAL O . -31.51 -36.70 -10.96
C6 GAL O . -31.01 -35.43 -11.67
O2 GAL O . -31.78 -40.70 -9.86
O3 GAL O . -29.66 -39.08 -8.75
O4 GAL O . -29.19 -37.42 -10.79
O5 GAL O . -31.95 -37.69 -11.87
O6 GAL O . -32.02 -34.83 -12.44
C1 NAG P . -7.85 10.48 3.77
C2 NAG P . -6.43 10.94 4.10
C3 NAG P . -5.97 10.49 5.49
C4 NAG P . -7.08 10.65 6.56
C5 NAG P . -8.47 10.22 6.05
C6 NAG P . -9.63 10.55 6.99
C7 NAG P . -5.20 11.20 1.98
C8 NAG P . -4.35 10.52 0.95
N2 NAG P . -5.56 10.44 3.05
O1 NAG P . -8.20 11.20 2.57
O3 NAG P . -4.81 11.20 5.85
O4 NAG P . -6.73 9.83 7.66
O5 NAG P . -8.75 10.85 4.81
O6 NAG P . -9.63 11.95 7.23
O7 NAG P . -5.54 12.39 1.83
C1 GAL P . -6.01 10.51 8.71
C2 GAL P . -6.48 9.87 10.03
C3 GAL P . -5.70 10.38 11.22
C4 GAL P . -4.19 10.31 10.95
C5 GAL P . -3.85 11.00 9.62
C6 GAL P . -2.36 10.94 9.27
O2 GAL P . -7.90 10.03 10.19
O3 GAL P . -6.06 9.58 12.34
O4 GAL P . -3.77 8.94 10.92
O5 GAL P . -4.61 10.40 8.58
O6 GAL P . -2.20 11.33 7.91
C1 GAL Q . 12.61 30.26 -15.83
C2 GAL Q . 12.86 29.34 -14.64
C3 GAL Q . 12.61 30.15 -13.38
C4 GAL Q . 13.49 31.41 -13.32
C5 GAL Q . 13.55 32.13 -14.68
C6 GAL Q . 14.70 33.14 -14.71
O1 GAL Q . 12.66 29.52 -17.02
O2 GAL Q . 12.06 28.17 -14.68
O3 GAL Q . 12.96 29.30 -12.34
O4 GAL Q . 14.80 31.10 -12.83
O5 GAL Q . 13.65 31.23 -15.77
O6 GAL Q . 14.69 33.85 -15.93
C1 NAG Q . 12.09 29.35 -11.20
C2 NAG Q . 12.81 28.55 -10.12
C3 NAG Q . 12.11 28.64 -8.74
C4 NAG Q . 11.45 29.99 -8.46
C5 NAG Q . 10.78 30.59 -9.71
C6 NAG Q . 10.15 31.97 -9.49
C7 NAG Q . 14.13 26.79 -11.18
C8 NAG Q . 14.15 25.39 -11.74
N2 NAG Q . 12.97 27.20 -10.65
O3 NAG Q . 13.09 28.44 -7.75
O4 NAG Q . 10.48 29.82 -7.44
O5 NAG Q . 11.75 30.65 -10.74
O6 NAG Q . 11.13 33.00 -9.53
O7 NAG Q . 15.16 27.49 -11.24
C1 GAL Q . 11.01 30.12 -6.14
C2 GAL Q . 9.89 30.81 -5.33
C3 GAL Q . 10.29 31.03 -3.88
C4 GAL Q . 10.81 29.72 -3.26
C5 GAL Q . 11.87 29.07 -4.16
C6 GAL Q . 12.29 27.68 -3.64
O2 GAL Q . 9.46 31.99 -5.98
O3 GAL Q . 9.16 31.48 -3.14
O4 GAL Q . 9.74 28.82 -3.01
O5 GAL Q . 11.44 28.94 -5.50
O6 GAL Q . 13.35 27.22 -4.47
C1 NAG R . 36.55 -12.10 2.51
C2 NAG R . 35.54 -11.03 2.93
C3 NAG R . 36.18 -9.84 3.66
C4 NAG R . 37.58 -10.04 4.27
C5 NAG R . 38.36 -11.11 3.52
C6 NAG R . 39.71 -11.45 4.16
C7 NAG R . 33.73 -10.44 1.35
C8 NAG R . 33.44 -9.73 0.05
N2 NAG R . 35.01 -10.42 1.73
O1 NAG R . 35.99 -13.38 2.20
O3 NAG R . 35.27 -9.37 4.64
O4 NAG R . 38.30 -8.86 4.05
O5 NAG R . 37.53 -12.25 3.51
O6 NAG R . 39.57 -12.36 5.22
O7 NAG R . 32.84 -10.99 2.00
C1 GAL R . 38.29 -7.96 5.19
C2 GAL R . 39.67 -7.28 5.23
C3 GAL R . 39.72 -6.31 6.40
C4 GAL R . 38.53 -5.34 6.35
C5 GAL R . 37.20 -6.11 6.18
C6 GAL R . 36.00 -5.17 6.07
O2 GAL R . 40.75 -8.20 5.28
O3 GAL R . 40.93 -5.61 6.35
O4 GAL R . 38.70 -4.42 5.28
O5 GAL R . 37.27 -6.97 5.07
O6 GAL R . 34.83 -5.96 5.97
C1 NAG S . 6.94 -14.47 12.53
C2 NAG S . 7.50 -13.06 12.45
C3 NAG S . 8.87 -12.87 13.15
C4 NAG S . 9.05 -13.75 14.39
C5 NAG S . 8.49 -15.16 14.14
C6 NAG S . 8.71 -16.20 15.25
C7 NAG S . 6.60 -12.03 10.42
C8 NAG S . 6.75 -11.87 8.93
N2 NAG S . 7.54 -12.79 11.02
O1 NAG S . 5.57 -14.45 12.17
O3 NAG S . 9.07 -11.51 13.51
O4 NAG S . 10.42 -13.83 14.69
O5 NAG S . 7.12 -15.04 13.82
O6 NAG S . 7.81 -15.98 16.32
O7 NAG S . 5.67 -11.46 11.03
C1 GAL S . 10.82 -12.88 15.70
C2 GAL S . 11.94 -13.55 16.47
C3 GAL S . 12.50 -12.62 17.54
C4 GAL S . 12.92 -11.31 16.91
C5 GAL S . 11.79 -10.73 16.05
C6 GAL S . 12.21 -9.47 15.31
O2 GAL S . 11.45 -14.75 17.01
O3 GAL S . 13.60 -13.23 18.14
O4 GAL S . 14.06 -11.53 16.11
O5 GAL S . 11.31 -11.69 15.11
O6 GAL S . 11.11 -9.01 14.55
C1 GAL T . 38.65 18.51 -8.29
C2 GAL T . 38.53 20.05 -8.30
C3 GAL T . 38.45 20.61 -6.89
C4 GAL T . 37.29 19.97 -6.09
C5 GAL T . 37.32 18.44 -6.24
C6 GAL T . 36.01 17.83 -5.74
O1 GAL T . 38.98 17.65 -9.41
O2 GAL T . 39.64 20.64 -8.95
O3 GAL T . 38.32 22.02 -6.88
O4 GAL T . 36.05 20.52 -6.47
O5 GAL T . 37.55 17.95 -7.56
O6 GAL T . 36.22 16.44 -5.58
#